data_3ARD
#
_entry.id   3ARD
#
_cell.length_a   58.991
_cell.length_b   86.732
_cell.length_c   235.198
_cell.angle_alpha   90.00
_cell.angle_beta   90.00
_cell.angle_gamma   90.00
#
_symmetry.space_group_name_H-M   'P 21 21 21'
#
loop_
_entity.id
_entity.type
_entity.pdbx_description
1 polymer 'Antigen-presenting glycoprotein CD1d1'
2 polymer Beta-2-microglobulin
3 polymer 'NKT Valpha14-Jalpha18,NKT Valpha14-Jalpha18'
4 polymer Vbeta8.2,Vbeta8.2
5 branched 2-acetamido-2-deoxy-beta-D-glucopyranose-(1-4)-2-acetamido-2-deoxy-beta-D-glucopyranose
6 non-polymer N-{(2S,3R)-1-[(3-deoxy-alpha-D-xylo-hexopyranosyl)oxy]-3-hydroxyoctadecan-2-yl}hexacosanamide
7 water water
#
loop_
_entity_poly.entity_id
_entity_poly.type
_entity_poly.pdbx_seq_one_letter_code
_entity_poly.pdbx_strand_id
1 'polypeptide(L)'
;SEAQQKNYTFRCLQMSSFANRSWSRTDSVVWLGDLQTHRWSNDSATISFTKPWSQGKLSNQQWEKLQHMFQVYRVSFTRD
IQELVKMMSPKEDYPIEIQLSAGCEMYPGNASESFLHVAFQGKYVVRFWGTSWQTVPGAPSWLDLPIKVLNADQGTSATV
QMLLNDTCPLFVRGLLEAGKSDLEKQEKPVAWLSSVPSSAHGHRQLVCHVSGFYPKPVWVMWMRGDQEQQGTHRGDFLPN
ADETWYLQATLDVEAGEEAGLACRVKHSSLGGQDIILYWGSLHHILDAQKMVWNHRHHHHHH
;
A
2 'polypeptide(L)'
;IQKTPQIQVYSRHPPENGKPNILNCYVTQFHPPHIEIQMLKNGKKIPKVEMSDMSFSKDWSFYILAHTEFTPTETDTYAC
RVKHASMAEPKTVYWDRDM
;
B
3 'polypeptide(L)'
;TQVEQSPQSLVVRQGENSVLQCNYSVTPDNHLRWFKQDTGKGLVSLTVLVDQKDKTSNGRYSATLDKDAKHSTLHITATL
LDDTATYICVVGDRGSALGRLHFGAGTQLIVIPDIQNPDPAVYQLRDSKSSDKSVCLFTDFDSQTNVSQSKDSDVYITDK
CVLDMRSMDFKSNSAVAWSNKSDFACANAFNNSIIPEDTFFPSPESS
;
C
4 'polypeptide(L)'
;EAAVTQSPRNKVAVTGGKVTLSCNQTNNHNNMYWYRQDTGHGLRLIHYSYGAGSTEKGDIPDGYKASRPSQENFSLILEL
ATPSQTSVYFCASGDAGGNYAEQFFGPGTRLTVLEDLKNVFPPEVAVFEPSEAEISHTQKATLVCLATGFYPDHVELSWW
VNGKEVHSGVCTDPQPLKEQPALNDSRYALSSRLRVSATFWQNPRNHFRCQVQFYGLSENDEWTQDRAKPVTQIVSAEAW
GRAD
;
D
#
loop_
_chem_comp.id
_chem_comp.type
_chem_comp.name
_chem_comp.formula
3GH non-polymer N-{(2S,3R)-1-[(3-deoxy-alpha-D-xylo-hexopyranosyl)oxy]-3-hydroxyoctadecan-2-yl}hexacosanamide 'C50 H99 N O7'
NAG D-saccharide, beta linking 2-acetamido-2-deoxy-beta-D-glucopyranose 'C8 H15 N O6'
#
# COMPACT_ATOMS: atom_id res chain seq x y z
N LYS A 6 -29.95 -8.18 -33.10
CA LYS A 6 -30.51 -7.63 -31.82
C LYS A 6 -29.54 -7.82 -30.65
N ASN A 7 -28.27 -7.48 -30.87
CA ASN A 7 -27.21 -7.62 -29.87
C ASN A 7 -27.11 -6.38 -28.97
N TYR A 8 -26.52 -6.56 -27.79
CA TYR A 8 -26.20 -5.42 -26.91
C TYR A 8 -24.84 -5.61 -26.24
N THR A 9 -23.98 -4.61 -26.40
CA THR A 9 -22.65 -4.62 -25.82
C THR A 9 -22.56 -3.64 -24.64
N PHE A 10 -22.15 -4.16 -23.50
CA PHE A 10 -21.97 -3.36 -22.29
C PHE A 10 -20.46 -3.14 -22.10
N ARG A 11 -20.06 -1.86 -22.02
CA ARG A 11 -18.64 -1.50 -21.88
C ARG A 11 -18.39 -0.63 -20.66
N CYS A 12 -17.43 -1.05 -19.83
CA CYS A 12 -16.89 -0.20 -18.77
C CYS A 12 -15.49 0.25 -19.15
N LEU A 13 -15.36 1.55 -19.42
CA LEU A 13 -14.11 2.10 -19.88
C LEU A 13 -13.42 2.86 -18.77
N GLN A 14 -12.15 2.54 -18.52
CA GLN A 14 -11.36 3.32 -17.57
C GLN A 14 -10.06 3.84 -18.21
N MET A 15 -9.81 5.12 -18.00
CA MET A 15 -8.57 5.74 -18.48
C MET A 15 -7.76 6.29 -17.31
N SER A 16 -6.58 5.72 -17.12
CA SER A 16 -5.68 6.11 -16.04
C SER A 16 -4.45 6.82 -16.59
N SER A 17 -4.17 8.01 -16.08
CA SER A 17 -3.03 8.78 -16.51
C SER A 17 -2.00 8.93 -15.40
N PHE A 18 -0.75 8.59 -15.71
CA PHE A 18 0.35 8.76 -14.79
C PHE A 18 1.40 9.63 -15.47
N ALA A 19 1.59 10.84 -14.95
CA ALA A 19 2.48 11.81 -15.58
C ALA A 19 3.88 11.70 -15.01
N ASN A 20 3.94 11.31 -13.74
CA ASN A 20 5.20 11.12 -13.01
C ASN A 20 4.98 10.25 -11.77
N ARG A 21 5.97 10.18 -10.89
CA ARG A 21 5.92 9.33 -9.71
C ARG A 21 4.85 9.76 -8.70
N SER A 22 4.37 11.00 -8.82
CA SER A 22 3.45 11.58 -7.83
C SER A 22 2.07 12.00 -8.35
N TRP A 23 1.96 12.23 -9.66
CA TRP A 23 0.70 12.71 -10.23
C TRP A 23 -0.07 11.63 -11.00
N SER A 24 -1.36 11.51 -10.70
CA SER A 24 -2.22 10.52 -11.33
C SER A 24 -3.70 10.89 -11.27
N ARG A 25 -4.43 10.50 -12.30
CA ARG A 25 -5.89 10.62 -12.33
C ARG A 25 -6.51 9.44 -13.07
N THR A 26 -7.72 9.05 -12.66
CA THR A 26 -8.45 7.97 -13.33
C THR A 26 -9.92 8.32 -13.44
N ASP A 27 -10.39 8.38 -14.68
CA ASP A 27 -11.78 8.67 -14.97
C ASP A 27 -12.39 7.47 -15.67
N SER A 28 -13.68 7.22 -15.45
CA SER A 28 -14.36 6.07 -16.05
C SER A 28 -15.75 6.38 -16.59
N VAL A 29 -16.08 5.75 -17.71
CA VAL A 29 -17.44 5.86 -18.29
C VAL A 29 -18.02 4.49 -18.62
N VAL A 30 -19.34 4.38 -18.54
CA VAL A 30 -20.01 3.10 -18.75
C VAL A 30 -21.13 3.21 -19.78
N TRP A 31 -21.01 2.43 -20.85
CA TRP A 31 -21.93 2.47 -21.97
C TRP A 31 -22.75 1.19 -22.07
N LEU A 32 -24.03 1.33 -22.41
CA LEU A 32 -24.85 0.20 -22.81
C LEU A 32 -25.25 0.40 -24.26
N GLY A 33 -24.54 -0.26 -25.16
CA GLY A 33 -24.61 0.08 -26.57
C GLY A 33 -24.00 1.46 -26.72
N ASP A 34 -24.76 2.37 -27.33
CA ASP A 34 -24.31 3.75 -27.49
C ASP A 34 -25.01 4.72 -26.54
N LEU A 35 -25.51 4.20 -25.41
CA LEU A 35 -26.11 5.03 -24.37
C LEU A 35 -25.27 4.96 -23.10
N GLN A 36 -24.83 6.12 -22.62
CA GLN A 36 -24.00 6.19 -21.42
C GLN A 36 -24.89 6.02 -20.19
N THR A 37 -24.50 5.10 -19.32
CA THR A 37 -25.27 4.81 -18.10
C THR A 37 -24.55 5.31 -16.84
N HIS A 38 -23.23 5.21 -16.81
CA HIS A 38 -22.45 5.64 -15.65
C HIS A 38 -21.26 6.52 -16.01
N ARG A 39 -21.00 7.50 -15.16
CA ARG A 39 -19.76 8.25 -15.17
C ARG A 39 -19.12 8.13 -13.80
N TRP A 40 -17.79 8.17 -13.76
CA TRP A 40 -17.05 8.20 -12.51
C TRP A 40 -15.78 9.02 -12.68
N SER A 41 -15.87 10.31 -12.34
CA SER A 41 -14.75 11.22 -12.45
C SER A 41 -13.72 10.93 -11.37
N ASN A 42 -12.46 11.30 -11.62
CA ASN A 42 -11.41 11.20 -10.61
C ASN A 42 -11.75 12.10 -9.43
N ASP A 43 -12.39 13.23 -9.73
CA ASP A 43 -12.76 14.23 -8.75
C ASP A 43 -13.84 13.73 -7.78
N SER A 44 -14.75 12.90 -8.30
CA SER A 44 -15.88 12.36 -7.53
C SER A 44 -15.52 11.16 -6.67
N ALA A 45 -16.16 11.07 -5.52
CA ALA A 45 -15.92 9.99 -4.55
C ALA A 45 -16.74 8.75 -4.87
N THR A 46 -17.96 8.94 -5.37
CA THR A 46 -18.85 7.83 -5.76
C THR A 46 -19.19 7.85 -7.24
N ILE A 47 -19.65 6.70 -7.75
CA ILE A 47 -20.09 6.57 -9.14
C ILE A 47 -21.43 7.28 -9.34
N SER A 48 -21.48 8.14 -10.35
CA SER A 48 -22.69 8.88 -10.68
C SER A 48 -23.49 8.17 -11.77
N PHE A 49 -24.82 8.25 -11.68
CA PHE A 49 -25.72 7.75 -12.72
C PHE A 49 -25.99 8.85 -13.72
N THR A 50 -26.07 8.46 -14.99
CA THR A 50 -26.42 9.39 -16.07
C THR A 50 -27.79 9.05 -16.65
N LYS A 51 -28.44 8.04 -16.07
CA LYS A 51 -29.82 7.70 -16.38
C LYS A 51 -30.56 7.37 -15.08
N PRO A 52 -31.90 7.52 -15.06
CA PRO A 52 -32.62 7.17 -13.84
C PRO A 52 -32.74 5.66 -13.63
N TRP A 53 -32.47 4.86 -14.67
CA TRP A 53 -32.53 3.40 -14.59
C TRP A 53 -31.16 2.74 -14.56
N SER A 54 -30.12 3.53 -14.33
CA SER A 54 -28.73 3.07 -14.41
C SER A 54 -28.33 2.08 -13.33
N GLN A 55 -29.10 2.01 -12.26
CA GLN A 55 -28.83 1.07 -11.17
C GLN A 55 -29.24 -0.36 -11.52
N GLY A 56 -29.89 -0.52 -12.67
CA GLY A 56 -30.39 -1.81 -13.12
C GLY A 56 -31.54 -2.31 -12.25
N LYS A 57 -31.44 -3.57 -11.85
CA LYS A 57 -32.41 -4.18 -10.95
C LYS A 57 -31.72 -4.59 -9.65
N LEU A 58 -30.79 -3.75 -9.19
CA LEU A 58 -30.05 -3.99 -7.96
C LEU A 58 -30.55 -3.08 -6.84
N SER A 59 -30.71 -3.65 -5.65
CA SER A 59 -31.10 -2.88 -4.47
C SER A 59 -29.95 -2.02 -3.98
N ASN A 60 -30.26 -1.03 -3.16
CA ASN A 60 -29.26 -0.12 -2.60
C ASN A 60 -28.14 -0.86 -1.86
N GLN A 61 -28.54 -1.72 -0.93
CA GLN A 61 -27.62 -2.46 -0.06
C GLN A 61 -26.73 -3.47 -0.78
N GLN A 62 -26.90 -3.59 -2.10
CA GLN A 62 -26.05 -4.46 -2.92
C GLN A 62 -25.36 -3.67 -4.04
N TRP A 63 -25.90 -2.50 -4.35
CA TRP A 63 -25.20 -1.56 -5.21
C TRP A 63 -24.04 -0.94 -4.43
N GLU A 64 -24.30 -0.53 -3.20
CA GLU A 64 -23.28 0.06 -2.33
C GLU A 64 -22.09 -0.89 -2.09
N LYS A 65 -22.38 -2.17 -1.91
CA LYS A 65 -21.36 -3.21 -1.78
C LYS A 65 -20.46 -3.28 -3.03
N LEU A 66 -21.09 -3.12 -4.20
CA LEU A 66 -20.37 -3.17 -5.47
C LEU A 66 -19.56 -1.89 -5.71
N GLN A 67 -20.13 -0.74 -5.33
CA GLN A 67 -19.46 0.55 -5.44
C GLN A 67 -18.23 0.62 -4.54
N HIS A 68 -18.31 -0.02 -3.37
CA HIS A 68 -17.19 -0.10 -2.44
C HIS A 68 -16.09 -0.98 -3.01
N MET A 69 -16.49 -2.06 -3.65
CA MET A 69 -15.59 -2.96 -4.38
C MET A 69 -14.72 -2.15 -5.35
N PHE A 70 -15.38 -1.32 -6.15
CA PHE A 70 -14.73 -0.43 -7.11
C PHE A 70 -13.93 0.69 -6.45
N GLN A 71 -14.49 1.30 -5.41
CA GLN A 71 -13.82 2.38 -4.69
C GLN A 71 -12.45 1.95 -4.19
N VAL A 72 -12.39 0.77 -3.58
CA VAL A 72 -11.14 0.20 -3.10
C VAL A 72 -10.22 -0.13 -4.28
N TYR A 73 -10.81 -0.61 -5.38
CA TYR A 73 -10.06 -0.93 -6.59
C TYR A 73 -9.35 0.28 -7.20
N ARG A 74 -10.03 1.43 -7.24
CA ARG A 74 -9.47 2.62 -7.89
C ARG A 74 -8.21 3.08 -7.19
N VAL A 75 -8.28 3.13 -5.85
CA VAL A 75 -7.15 3.55 -5.02
C VAL A 75 -6.00 2.55 -5.16
N SER A 76 -6.32 1.27 -5.12
CA SER A 76 -5.33 0.20 -5.18
C SER A 76 -4.65 0.11 -6.53
N PHE A 77 -5.44 0.28 -7.60
CA PHE A 77 -4.95 0.18 -8.96
C PHE A 77 -3.86 1.20 -9.23
N THR A 78 -4.09 2.44 -8.81
CA THR A 78 -3.11 3.52 -8.92
C THR A 78 -1.78 3.11 -8.29
N ARG A 79 -1.80 2.81 -6.99
CA ARG A 79 -0.61 2.42 -6.24
C ARG A 79 0.06 1.14 -6.75
N ASP A 80 -0.71 0.29 -7.43
CA ASP A 80 -0.15 -0.95 -7.98
C ASP A 80 0.68 -0.70 -9.23
N ILE A 81 0.15 0.12 -10.14
CA ILE A 81 0.85 0.51 -11.37
C ILE A 81 2.14 1.22 -11.02
N GLN A 82 2.07 2.19 -10.12
CA GLN A 82 3.21 2.95 -9.64
C GLN A 82 4.33 2.06 -9.09
N GLU A 83 3.95 0.99 -8.40
CA GLU A 83 4.91 0.03 -7.87
C GLU A 83 5.50 -0.88 -8.96
N LEU A 84 4.73 -1.14 -10.00
CA LEU A 84 5.22 -1.90 -11.14
C LEU A 84 6.19 -1.06 -11.99
N VAL A 85 5.91 0.24 -12.07
CA VAL A 85 6.82 1.19 -12.71
C VAL A 85 8.15 1.17 -11.95
N LYS A 86 8.06 1.21 -10.62
CA LYS A 86 9.24 1.17 -9.74
C LYS A 86 10.02 -0.12 -9.91
N MET A 87 9.32 -1.17 -10.33
CA MET A 87 9.92 -2.48 -10.54
C MET A 87 10.64 -2.55 -11.88
N MET A 88 10.08 -1.90 -12.90
CA MET A 88 10.71 -1.78 -14.22
C MET A 88 11.34 -0.39 -14.37
N SER A 89 12.14 0.00 -13.38
CA SER A 89 12.60 1.40 -13.22
C SER A 89 13.33 2.00 -14.43
N PRO A 90 14.53 1.47 -14.78
CA PRO A 90 15.21 2.00 -15.98
C PRO A 90 14.51 1.60 -17.29
N LYS A 91 13.85 0.43 -17.29
CA LYS A 91 13.20 -0.12 -18.49
C LYS A 91 12.01 0.71 -18.97
N GLU A 92 11.13 1.08 -18.04
CA GLU A 92 9.95 1.87 -18.35
C GLU A 92 9.88 3.11 -17.47
N ASP A 93 9.45 4.23 -18.05
CA ASP A 93 9.27 5.47 -17.28
C ASP A 93 8.14 6.35 -17.80
N TYR A 94 7.78 7.35 -16.99
CA TYR A 94 6.64 8.23 -17.25
C TYR A 94 6.86 9.19 -18.43
N PRO A 95 5.78 9.73 -19.01
CA PRO A 95 4.36 9.55 -18.64
C PRO A 95 3.79 8.23 -19.13
N ILE A 96 2.79 7.72 -18.43
CA ILE A 96 2.19 6.43 -18.76
C ILE A 96 0.68 6.55 -18.85
N GLU A 97 0.13 6.03 -19.95
CA GLU A 97 -1.31 5.97 -20.15
C GLU A 97 -1.80 4.53 -20.18
N ILE A 98 -2.66 4.20 -19.21
CA ILE A 98 -3.27 2.88 -19.09
C ILE A 98 -4.76 2.99 -19.39
N GLN A 99 -5.25 2.10 -20.25
CA GLN A 99 -6.67 2.05 -20.60
C GLN A 99 -7.23 0.66 -20.38
N LEU A 100 -8.44 0.60 -19.85
CA LEU A 100 -9.07 -0.68 -19.51
C LEU A 100 -10.49 -0.71 -20.05
N SER A 101 -10.78 -1.73 -20.86
CA SER A 101 -12.12 -1.94 -21.38
C SER A 101 -12.65 -3.28 -20.91
N ALA A 102 -13.63 -3.22 -20.01
CA ALA A 102 -14.21 -4.41 -19.40
C ALA A 102 -15.71 -4.43 -19.58
N GLY A 103 -16.25 -5.58 -19.99
CA GLY A 103 -17.69 -5.72 -20.13
C GLY A 103 -18.14 -7.11 -20.53
N CYS A 104 -19.31 -7.16 -21.15
CA CYS A 104 -19.93 -8.41 -21.58
C CYS A 104 -20.99 -8.15 -22.63
N GLU A 105 -21.01 -8.99 -23.67
CA GLU A 105 -21.99 -8.91 -24.75
C GLU A 105 -23.16 -9.85 -24.49
N MET A 106 -24.40 -9.37 -24.70
CA MET A 106 -25.58 -10.21 -24.49
C MET A 106 -26.09 -10.83 -25.80
N TYR A 107 -26.74 -11.98 -25.68
CA TYR A 107 -27.24 -12.71 -26.85
C TYR A 107 -28.66 -13.22 -26.63
N GLY A 109 -30.35 -16.07 -26.69
CA GLY A 109 -31.05 -16.38 -25.45
C GLY A 109 -30.32 -15.89 -24.21
N ASN A 110 -30.28 -16.74 -23.19
CA ASN A 110 -29.72 -16.39 -21.88
C ASN A 110 -28.18 -16.25 -21.87
N ALA A 111 -27.53 -16.65 -22.97
CA ALA A 111 -26.07 -16.68 -23.07
C ALA A 111 -25.41 -15.29 -23.13
N SER A 112 -24.15 -15.24 -22.69
CA SER A 112 -23.33 -14.03 -22.79
C SER A 112 -21.85 -14.37 -22.98
N GLU A 113 -21.01 -13.35 -23.13
CA GLU A 113 -19.58 -13.53 -23.35
C GLU A 113 -18.83 -12.31 -22.83
N SER A 114 -18.12 -12.47 -21.72
CA SER A 114 -17.45 -11.37 -21.04
C SER A 114 -16.01 -11.15 -21.52
N PHE A 115 -15.48 -9.96 -21.23
CA PHE A 115 -14.12 -9.58 -21.63
C PHE A 115 -13.50 -8.54 -20.70
N LEU A 116 -12.18 -8.52 -20.66
CA LEU A 116 -11.43 -7.46 -19.99
C LEU A 116 -10.14 -7.22 -20.74
N HIS A 117 -10.10 -6.16 -21.55
CA HIS A 117 -8.90 -5.81 -22.30
C HIS A 117 -8.14 -4.64 -21.68
N VAL A 118 -6.81 -4.70 -21.76
CA VAL A 118 -5.95 -3.66 -21.22
C VAL A 118 -5.00 -3.19 -22.30
N ALA A 119 -4.83 -1.87 -22.39
CA ALA A 119 -3.86 -1.26 -23.30
C ALA A 119 -2.79 -0.48 -22.54
N PHE A 120 -1.54 -0.61 -22.99
CA PHE A 120 -0.42 0.17 -22.45
C PHE A 120 0.11 1.12 -23.52
N GLN A 121 -0.07 2.43 -23.28
CA GLN A 121 0.34 3.49 -24.21
C GLN A 121 -0.37 3.40 -25.55
N GLY A 122 -1.65 3.01 -25.52
CA GLY A 122 -2.47 2.93 -26.74
C GLY A 122 -2.51 1.58 -27.41
N LYS A 123 -1.47 0.78 -27.22
CA LYS A 123 -1.42 -0.57 -27.77
C LYS A 123 -2.00 -1.57 -26.77
N TYR A 124 -2.90 -2.43 -27.24
CA TYR A 124 -3.53 -3.48 -26.43
C TYR A 124 -2.56 -4.63 -26.20
N VAL A 125 -2.33 -4.96 -24.93
CA VAL A 125 -1.27 -5.93 -24.58
C VAL A 125 -1.68 -7.04 -23.62
N VAL A 126 -2.59 -6.72 -22.69
CA VAL A 126 -3.00 -7.68 -21.66
C VAL A 126 -4.52 -7.89 -21.68
N ARG A 127 -4.94 -9.13 -21.47
CA ARG A 127 -6.33 -9.49 -21.27
C ARG A 127 -6.51 -10.40 -20.07
N PHE A 128 -7.73 -10.48 -19.53
CA PHE A 128 -8.03 -11.47 -18.51
C PHE A 128 -8.69 -12.67 -19.17
N TRP A 129 -8.15 -13.85 -18.88
CA TRP A 129 -8.64 -15.07 -19.51
C TRP A 129 -8.74 -16.23 -18.53
N GLY A 130 -9.98 -16.68 -18.32
CA GLY A 130 -10.27 -17.76 -17.39
C GLY A 130 -10.04 -17.36 -15.94
N THR A 131 -8.80 -17.54 -15.48
CA THR A 131 -8.44 -17.30 -14.09
C THR A 131 -7.33 -16.25 -13.90
N SER A 132 -6.51 -16.05 -14.93
CA SER A 132 -5.32 -15.21 -14.80
C SER A 132 -5.23 -14.10 -15.84
N TRP A 133 -4.35 -13.12 -15.60
CA TRP A 133 -3.99 -12.14 -16.61
C TRP A 133 -3.04 -12.78 -17.62
N GLN A 134 -3.21 -12.45 -18.88
CA GLN A 134 -2.38 -13.00 -19.95
C GLN A 134 -1.94 -11.89 -20.90
N THR A 135 -0.69 -11.98 -21.36
CA THR A 135 -0.23 -11.12 -22.44
C THR A 135 -0.76 -11.68 -23.76
N VAL A 136 -0.98 -10.81 -24.72
CA VAL A 136 -1.48 -11.21 -26.03
C VAL A 136 -0.32 -11.59 -26.97
N PRO A 137 -0.62 -12.32 -28.07
CA PRO A 137 0.41 -12.51 -29.08
C PRO A 137 0.85 -11.17 -29.67
N GLY A 138 2.15 -11.02 -29.88
CA GLY A 138 2.73 -9.78 -30.39
C GLY A 138 3.16 -8.80 -29.32
N ALA A 139 2.66 -9.00 -28.09
CA ALA A 139 2.95 -8.14 -26.95
C ALA A 139 4.43 -8.18 -26.55
N PRO A 140 4.98 -7.06 -26.02
CA PRO A 140 6.38 -7.01 -25.61
C PRO A 140 6.67 -7.87 -24.40
N SER A 141 7.86 -8.48 -24.38
CA SER A 141 8.22 -9.46 -23.36
C SER A 141 8.69 -8.87 -22.02
N TRP A 142 8.77 -7.54 -21.94
CA TRP A 142 9.09 -6.87 -20.67
C TRP A 142 7.91 -6.90 -19.71
N LEU A 143 6.71 -7.13 -20.25
CA LEU A 143 5.50 -7.22 -19.44
C LEU A 143 5.38 -8.54 -18.69
N ASP A 144 6.34 -9.44 -18.93
CA ASP A 144 6.30 -10.81 -18.39
C ASP A 144 6.32 -10.90 -16.87
N LEU A 145 7.26 -10.19 -16.24
CA LEU A 145 7.35 -10.16 -14.78
C LEU A 145 6.13 -9.50 -14.12
N PRO A 146 5.68 -8.32 -14.62
CA PRO A 146 4.47 -7.69 -14.09
C PRO A 146 3.21 -8.56 -14.13
N ILE A 147 3.18 -9.54 -15.03
CA ILE A 147 2.10 -10.52 -15.05
C ILE A 147 2.29 -11.53 -13.93
N LYS A 148 3.50 -12.09 -13.82
CA LYS A 148 3.86 -13.02 -12.76
C LYS A 148 3.57 -12.44 -11.38
N VAL A 149 3.80 -11.13 -11.24
CA VAL A 149 3.51 -10.42 -10.01
C VAL A 149 1.99 -10.32 -9.77
N LEU A 150 1.25 -9.90 -10.78
CA LEU A 150 -0.19 -9.70 -10.64
C LEU A 150 -1.01 -10.99 -10.54
N ASN A 151 -0.45 -12.11 -10.99
CA ASN A 151 -1.13 -13.40 -10.90
C ASN A 151 -0.98 -14.06 -9.54
N ALA A 152 0.06 -13.65 -8.80
CA ALA A 152 0.26 -14.10 -7.43
C ALA A 152 -0.85 -13.59 -6.51
N ASP A 153 -1.58 -12.57 -6.98
CA ASP A 153 -2.71 -12.02 -6.24
C ASP A 153 -3.95 -12.89 -6.49
N GLN A 154 -4.10 -13.93 -5.67
CA GLN A 154 -5.21 -14.87 -5.79
C GLN A 154 -6.56 -14.19 -5.52
N GLY A 155 -6.56 -13.29 -4.53
CA GLY A 155 -7.78 -12.60 -4.11
C GLY A 155 -8.41 -11.73 -5.19
N THR A 156 -7.58 -11.01 -5.94
CA THR A 156 -8.05 -10.14 -7.01
C THR A 156 -8.55 -10.98 -8.18
N SER A 157 -7.74 -11.96 -8.56
CA SER A 157 -8.10 -12.90 -9.62
C SER A 157 -9.48 -13.52 -9.37
N ALA A 158 -9.71 -13.98 -8.14
CA ALA A 158 -11.00 -14.55 -7.75
C ALA A 158 -12.14 -13.53 -7.86
N THR A 159 -11.90 -12.31 -7.36
CA THR A 159 -12.93 -11.27 -7.36
C THR A 159 -13.17 -10.66 -8.74
N VAL A 160 -12.21 -10.83 -9.65
CA VAL A 160 -12.40 -10.46 -11.05
C VAL A 160 -13.22 -11.55 -11.75
N GLN A 161 -12.88 -12.81 -11.48
CA GLN A 161 -13.60 -13.96 -12.05
C GLN A 161 -15.09 -13.92 -11.75
N MET A 162 -15.45 -13.54 -10.53
CA MET A 162 -16.83 -13.37 -10.11
C MET A 162 -17.58 -12.34 -10.96
N LEU A 163 -16.93 -11.21 -11.22
CA LEU A 163 -17.52 -10.12 -12.00
C LEU A 163 -17.76 -10.50 -13.46
N LEU A 164 -16.76 -11.10 -14.08
CA LEU A 164 -16.84 -11.47 -15.48
C LEU A 164 -17.76 -12.68 -15.70
N ASN A 165 -17.64 -13.71 -14.88
CA ASN A 165 -18.47 -14.91 -15.02
C ASN A 165 -19.93 -14.72 -14.58
N ASP A 166 -20.13 -13.99 -13.48
CA ASP A 166 -21.46 -13.90 -12.87
C ASP A 166 -22.07 -12.49 -12.87
N THR A 167 -21.36 -11.51 -12.31
CA THR A 167 -21.92 -10.18 -12.06
C THR A 167 -22.31 -9.38 -13.32
N CYS A 168 -21.39 -9.20 -14.26
CA CYS A 168 -21.67 -8.48 -15.51
C CYS A 168 -22.94 -8.99 -16.19
N PRO A 169 -23.00 -10.31 -16.52
CA PRO A 169 -24.20 -10.84 -17.13
C PRO A 169 -25.47 -10.58 -16.31
N LEU A 170 -25.44 -10.92 -15.01
CA LEU A 170 -26.62 -10.77 -14.15
C LEU A 170 -27.08 -9.32 -14.06
N PHE A 171 -26.13 -8.40 -14.07
CA PHE A 171 -26.41 -6.98 -14.02
C PHE A 171 -27.08 -6.48 -15.31
N VAL A 172 -26.44 -6.75 -16.45
CA VAL A 172 -26.88 -6.22 -17.75
C VAL A 172 -28.32 -6.63 -18.11
N ARG A 173 -28.65 -7.90 -17.88
CA ARG A 173 -30.02 -8.37 -18.04
C ARG A 173 -31.00 -7.46 -17.30
N GLY A 174 -30.56 -6.93 -16.16
CA GLY A 174 -31.36 -6.00 -15.36
C GLY A 174 -31.41 -4.60 -15.95
N LEU A 175 -30.33 -4.17 -16.59
CA LEU A 175 -30.29 -2.88 -17.27
C LEU A 175 -31.18 -2.86 -18.51
N LEU A 176 -31.18 -3.98 -19.24
CA LEU A 176 -31.95 -4.13 -20.47
C LEU A 176 -33.44 -4.07 -20.19
N GLU A 177 -33.84 -4.61 -19.05
CA GLU A 177 -35.22 -4.52 -18.57
C GLU A 177 -35.56 -3.12 -18.10
N ALA A 178 -34.72 -2.59 -17.22
CA ALA A 178 -34.95 -1.27 -16.63
C ALA A 178 -35.03 -0.17 -17.68
N GLY A 179 -34.12 -0.21 -18.65
CA GLY A 179 -34.07 0.78 -19.71
C GLY A 179 -34.73 0.32 -21.00
N LYS A 180 -35.64 -0.64 -20.91
CA LYS A 180 -36.41 -1.11 -22.06
C LYS A 180 -36.99 0.08 -22.81
N SER A 181 -37.65 0.98 -22.05
CA SER A 181 -38.33 2.15 -22.60
C SER A 181 -37.40 3.10 -23.38
N ASP A 182 -36.24 3.41 -22.80
CA ASP A 182 -35.28 4.32 -23.42
C ASP A 182 -34.56 3.75 -24.64
N LEU A 183 -34.27 2.45 -24.59
CA LEU A 183 -33.55 1.78 -25.67
C LEU A 183 -34.41 1.61 -26.93
N GLU A 184 -35.72 1.50 -26.75
CA GLU A 184 -36.64 1.29 -27.87
C GLU A 184 -37.24 2.61 -28.41
N LYS A 185 -36.85 3.72 -27.79
CA LYS A 185 -37.28 5.06 -28.18
C LYS A 185 -36.95 5.36 -29.65
N GLN A 186 -37.85 6.07 -30.32
CA GLN A 186 -37.69 6.42 -31.72
C GLN A 186 -37.71 7.93 -31.90
N GLU A 187 -36.67 8.47 -32.55
CA GLU A 187 -36.56 9.92 -32.77
C GLU A 187 -36.51 10.27 -34.25
N LYS A 188 -37.37 11.21 -34.64
CA LYS A 188 -37.48 11.64 -36.04
C LYS A 188 -36.23 12.41 -36.53
N PRO A 189 -35.60 11.93 -37.61
CA PRO A 189 -34.51 12.67 -38.22
C PRO A 189 -35.03 13.88 -39.01
N VAL A 190 -34.24 14.95 -39.05
CA VAL A 190 -34.52 16.11 -39.88
C VAL A 190 -33.39 16.22 -40.89
N ALA A 191 -33.73 16.61 -42.11
CA ALA A 191 -32.76 16.68 -43.19
C ALA A 191 -32.79 18.00 -43.97
N TRP A 192 -31.62 18.41 -44.44
CA TRP A 192 -31.46 19.58 -45.28
C TRP A 192 -30.32 19.40 -46.28
N LEU A 193 -30.24 20.29 -47.26
CA LEU A 193 -29.24 20.20 -48.33
C LEU A 193 -28.30 21.39 -48.40
N SER A 194 -27.05 21.13 -48.76
CA SER A 194 -26.10 22.19 -49.10
C SER A 194 -25.15 21.68 -50.18
N SER A 195 -24.19 22.52 -50.58
CA SER A 195 -23.20 22.14 -51.57
C SER A 195 -21.89 22.86 -51.36
N VAL A 196 -20.84 22.37 -52.01
CA VAL A 196 -19.47 22.78 -51.75
C VAL A 196 -18.62 22.51 -52.98
N PRO A 197 -17.56 23.31 -53.22
CA PRO A 197 -16.69 23.00 -54.34
C PRO A 197 -15.94 21.69 -54.11
N SER A 198 -15.98 20.80 -55.09
CA SER A 198 -15.20 19.57 -55.04
C SER A 198 -13.72 19.89 -55.17
N SER A 199 -12.88 18.98 -54.71
CA SER A 199 -11.43 19.12 -54.87
C SER A 199 -11.05 19.01 -56.35
N ALA A 200 -11.96 18.47 -57.15
CA ALA A 200 -11.83 18.41 -58.60
C ALA A 200 -12.31 19.70 -59.24
N HIS A 201 -11.65 20.11 -60.31
CA HIS A 201 -12.01 21.32 -61.04
C HIS A 201 -13.36 21.19 -61.74
N GLY A 202 -14.22 22.18 -61.56
CA GLY A 202 -15.52 22.25 -62.23
C GLY A 202 -16.54 21.27 -61.68
N HIS A 203 -16.15 20.55 -60.63
CA HIS A 203 -17.05 19.63 -59.94
C HIS A 203 -17.61 20.26 -58.66
N ARG A 204 -18.74 19.74 -58.22
CA ARG A 204 -19.42 20.23 -57.03
C ARG A 204 -19.78 19.07 -56.12
N GLN A 205 -19.61 19.25 -54.82
CA GLN A 205 -19.98 18.24 -53.85
C GLN A 205 -21.28 18.60 -53.16
N LEU A 206 -22.32 17.79 -53.39
CA LEU A 206 -23.61 17.99 -52.73
C LEU A 206 -23.58 17.34 -51.35
N VAL A 207 -24.25 17.96 -50.40
CA VAL A 207 -24.26 17.47 -49.03
C VAL A 207 -25.68 17.28 -48.56
N CYS A 208 -25.94 16.17 -47.88
CA CYS A 208 -27.27 15.89 -47.35
C CYS A 208 -27.20 15.64 -45.85
N HIS A 209 -27.40 16.69 -45.07
CA HIS A 209 -27.32 16.62 -43.61
C HIS A 209 -28.55 15.94 -43.04
N VAL A 210 -28.34 14.93 -42.20
CA VAL A 210 -29.43 14.20 -41.55
C VAL A 210 -29.18 14.18 -40.05
N SER A 211 -29.91 15.01 -39.31
CA SER A 211 -29.62 15.21 -37.88
C SER A 211 -30.77 14.87 -36.93
N GLY A 212 -30.41 14.24 -35.82
CA GLY A 212 -31.32 14.02 -34.70
C GLY A 212 -32.11 12.72 -34.67
N PHE A 213 -31.59 11.70 -35.36
CA PHE A 213 -32.25 10.40 -35.38
C PHE A 213 -31.73 9.47 -34.30
N TYR A 214 -32.62 8.60 -33.81
CA TYR A 214 -32.26 7.54 -32.87
C TYR A 214 -33.25 6.38 -33.05
N PRO A 215 -32.75 5.12 -33.06
CA PRO A 215 -31.36 4.65 -32.88
C PRO A 215 -30.42 4.92 -34.06
N LYS A 216 -29.16 4.51 -33.94
CA LYS A 216 -28.14 4.74 -34.98
C LYS A 216 -28.52 4.29 -36.39
N PRO A 217 -28.87 2.99 -36.59
CA PRO A 217 -29.06 2.49 -37.95
C PRO A 217 -30.01 3.35 -38.79
N VAL A 218 -29.53 3.73 -39.98
CA VAL A 218 -30.21 4.66 -40.87
C VAL A 218 -29.78 4.39 -42.31
N TRP A 219 -30.58 4.84 -43.28
CA TRP A 219 -30.31 4.64 -44.70
C TRP A 219 -30.45 5.95 -45.46
N VAL A 220 -29.36 6.37 -46.12
CA VAL A 220 -29.35 7.63 -46.86
C VAL A 220 -28.67 7.49 -48.23
N MET A 221 -29.40 7.78 -49.30
CA MET A 221 -28.86 7.72 -50.65
C MET A 221 -29.34 8.86 -51.54
N TRP A 222 -28.45 9.32 -52.42
CA TRP A 222 -28.84 10.22 -53.49
C TRP A 222 -29.44 9.40 -54.61
N MET A 223 -30.60 9.82 -55.08
CA MET A 223 -31.37 9.08 -56.07
C MET A 223 -31.59 9.92 -57.32
N ARG A 224 -31.58 9.25 -58.47
CA ARG A 224 -32.10 9.82 -59.72
C ARG A 224 -33.33 9.01 -60.08
N GLY A 225 -34.46 9.37 -59.47
CA GLY A 225 -35.69 8.61 -59.60
C GLY A 225 -35.56 7.28 -58.90
N ASP A 226 -35.59 6.19 -59.66
CA ASP A 226 -35.44 4.85 -59.11
C ASP A 226 -33.98 4.38 -59.06
N GLN A 227 -33.06 5.25 -59.47
CA GLN A 227 -31.62 4.94 -59.52
C GLN A 227 -30.87 5.54 -58.32
N GLU A 228 -30.44 4.67 -57.39
CA GLU A 228 -29.54 5.08 -56.33
C GLU A 228 -28.19 5.43 -56.95
N GLN A 229 -27.72 6.65 -56.70
CA GLN A 229 -26.45 7.10 -57.26
C GLN A 229 -25.30 6.42 -56.53
N GLN A 230 -24.64 5.49 -57.22
CA GLN A 230 -23.64 4.62 -56.60
C GLN A 230 -22.40 5.38 -56.13
N GLY A 231 -22.29 6.65 -56.54
CA GLY A 231 -21.20 7.50 -56.08
C GLY A 231 -21.48 8.16 -54.74
N THR A 232 -22.55 7.74 -54.07
CA THR A 232 -22.94 8.29 -52.77
C THR A 232 -21.98 7.83 -51.69
N HIS A 233 -21.37 8.79 -51.00
CA HIS A 233 -20.50 8.47 -49.88
C HIS A 233 -21.19 8.76 -48.56
N ARG A 234 -21.52 7.69 -47.85
CA ARG A 234 -22.04 7.77 -46.50
C ARG A 234 -20.89 8.21 -45.60
N GLY A 235 -21.11 9.28 -44.82
CA GLY A 235 -20.13 9.77 -43.86
C GLY A 235 -20.18 8.98 -42.56
N ASP A 236 -19.38 9.38 -41.59
CA ASP A 236 -19.39 8.74 -40.26
C ASP A 236 -20.44 9.35 -39.32
N PHE A 237 -20.95 8.54 -38.39
CA PHE A 237 -21.95 9.01 -37.41
C PHE A 237 -21.36 9.98 -36.40
N LEU A 238 -21.96 11.15 -36.29
CA LEU A 238 -21.52 12.16 -35.33
C LEU A 238 -22.58 12.36 -34.25
N PRO A 239 -22.16 12.40 -32.98
CA PRO A 239 -23.11 12.48 -31.87
C PRO A 239 -23.75 13.86 -31.69
N ASN A 240 -24.85 13.90 -30.95
CA ASN A 240 -25.45 15.14 -30.47
C ASN A 240 -25.46 15.17 -28.94
N ALA A 241 -25.76 16.33 -28.36
CA ALA A 241 -25.77 16.48 -26.90
C ALA A 241 -26.94 15.74 -26.23
N ASP A 242 -27.99 15.45 -26.99
CA ASP A 242 -29.15 14.74 -26.48
C ASP A 242 -29.15 13.25 -26.84
N GLU A 243 -27.96 12.72 -27.15
CA GLU A 243 -27.76 11.31 -27.46
C GLU A 243 -28.50 10.83 -28.71
N THR A 244 -28.72 11.77 -29.63
CA THR A 244 -29.21 11.47 -30.98
C THR A 244 -28.01 11.47 -31.94
N TRP A 245 -28.27 11.20 -33.22
CA TRP A 245 -27.18 11.00 -34.18
C TRP A 245 -27.25 11.86 -35.42
N TYR A 246 -26.08 12.29 -35.87
CA TYR A 246 -25.93 13.14 -37.05
C TYR A 246 -25.12 12.40 -38.12
N LEU A 247 -25.56 12.56 -39.37
CA LEU A 247 -24.94 11.88 -40.49
C LEU A 247 -25.13 12.72 -41.75
N GLN A 248 -24.13 12.71 -42.61
CA GLN A 248 -24.28 13.33 -43.92
C GLN A 248 -23.81 12.40 -45.02
N ALA A 249 -24.49 12.46 -46.17
CA ALA A 249 -24.15 11.67 -47.33
C ALA A 249 -23.85 12.62 -48.47
N THR A 250 -22.67 12.48 -49.06
CA THR A 250 -22.23 13.42 -50.10
C THR A 250 -22.27 12.79 -51.49
N LEU A 251 -22.43 13.63 -52.50
CA LEU A 251 -22.38 13.19 -53.89
C LEU A 251 -21.60 14.19 -54.72
N ASP A 252 -20.62 13.69 -55.46
CA ASP A 252 -19.79 14.51 -56.32
C ASP A 252 -20.43 14.56 -57.71
N VAL A 253 -20.85 15.76 -58.09
CA VAL A 253 -21.50 15.97 -59.40
C VAL A 253 -20.77 17.05 -60.20
N GLU A 254 -20.89 16.96 -61.52
CA GLU A 254 -20.37 17.99 -62.41
C GLU A 254 -21.30 19.20 -62.33
N ALA A 255 -20.72 20.40 -62.36
CA ALA A 255 -21.52 21.62 -62.33
C ALA A 255 -22.59 21.60 -63.45
N GLY A 256 -23.84 21.81 -63.04
CA GLY A 256 -24.98 21.74 -63.96
C GLY A 256 -25.73 20.42 -63.90
N GLU A 257 -25.14 19.42 -63.26
CA GLU A 257 -25.72 18.08 -63.16
C GLU A 257 -26.53 17.91 -61.87
N GLU A 258 -26.71 18.99 -61.12
CA GLU A 258 -27.38 18.97 -59.82
C GLU A 258 -28.88 18.66 -59.87
N ALA A 259 -29.52 18.99 -60.99
CA ALA A 259 -30.98 18.87 -61.11
C ALA A 259 -31.46 17.43 -61.26
N GLY A 260 -32.67 17.16 -60.74
CA GLY A 260 -33.28 15.84 -60.81
C GLY A 260 -32.88 14.93 -59.66
N LEU A 261 -31.79 15.26 -58.99
CA LEU A 261 -31.29 14.49 -57.86
C LEU A 261 -32.11 14.74 -56.61
N ALA A 262 -32.19 13.73 -55.75
CA ALA A 262 -32.92 13.81 -54.50
C ALA A 262 -32.15 13.12 -53.38
N CYS A 263 -32.46 13.49 -52.14
CA CYS A 263 -31.89 12.79 -50.98
C CYS A 263 -32.98 11.96 -50.32
N ARG A 264 -32.81 10.64 -50.34
CA ARG A 264 -33.78 9.73 -49.74
C ARG A 264 -33.29 9.23 -48.39
N VAL A 265 -34.11 9.45 -47.37
CA VAL A 265 -33.77 9.03 -46.01
C VAL A 265 -34.79 8.02 -45.49
N LYS A 266 -34.29 6.84 -45.14
CA LYS A 266 -35.09 5.83 -44.48
C LYS A 266 -34.68 5.72 -43.01
N HIS A 267 -35.68 5.65 -42.13
CA HIS A 267 -35.44 5.44 -40.71
C HIS A 267 -36.62 4.69 -40.09
N SER A 268 -36.31 3.85 -39.11
CA SER A 268 -37.30 3.04 -38.43
C SER A 268 -38.42 3.89 -37.82
N SER A 269 -38.06 5.06 -37.32
CA SER A 269 -38.99 5.97 -36.65
C SER A 269 -40.02 6.58 -37.61
N LEU A 270 -39.66 6.67 -38.88
CA LEU A 270 -40.54 7.24 -39.90
C LEU A 270 -41.69 6.31 -40.26
N GLY A 271 -41.45 5.01 -40.13
CA GLY A 271 -42.49 3.98 -40.31
C GLY A 271 -43.03 3.87 -41.72
N GLY A 272 -42.14 4.00 -42.71
CA GLY A 272 -42.52 3.85 -44.11
C GLY A 272 -42.43 5.10 -44.95
N GLN A 273 -42.80 6.25 -44.36
CA GLN A 273 -42.77 7.53 -45.06
C GLN A 273 -41.36 8.14 -45.06
N ASP A 274 -40.64 7.94 -46.15
CA ASP A 274 -39.26 8.40 -46.30
C ASP A 274 -39.16 9.91 -46.40
N ILE A 275 -38.06 10.46 -45.91
CA ILE A 275 -37.73 11.87 -46.15
C ILE A 275 -37.11 11.93 -47.54
N ILE A 276 -37.67 12.78 -48.40
CA ILE A 276 -37.15 12.96 -49.75
C ILE A 276 -36.98 14.45 -50.06
N LEU A 277 -35.72 14.90 -50.12
CA LEU A 277 -35.40 16.29 -50.41
C LEU A 277 -34.93 16.41 -51.85
N TYR A 278 -35.65 17.18 -52.65
CA TYR A 278 -35.31 17.40 -54.05
C TYR A 278 -34.43 18.63 -54.24
N TRP A 279 -33.31 18.46 -54.94
CA TRP A 279 -32.44 19.58 -55.27
C TRP A 279 -33.13 20.50 -56.25
N GLY A 280 -33.38 21.73 -55.81
CA GLY A 280 -34.07 22.73 -56.63
C GLY A 280 -35.54 22.86 -56.33
N SER A 281 -36.01 22.12 -55.33
CA SER A 281 -37.38 22.25 -54.82
C SER A 281 -37.58 23.64 -54.21
N LEU A 282 -38.77 24.20 -54.37
CA LEU A 282 -39.11 25.49 -53.75
C LEU A 282 -38.72 25.54 -52.27
N HIS A 283 -38.80 24.39 -51.61
CA HIS A 283 -38.37 24.21 -50.22
C HIS A 283 -36.84 24.38 -50.10
N HIS A 284 -36.10 23.63 -50.91
CA HIS A 284 -34.63 23.72 -50.95
C HIS A 284 -34.17 25.15 -51.26
N ILE A 285 -34.84 25.80 -52.21
CA ILE A 285 -34.59 27.19 -52.56
C ILE A 285 -34.82 28.10 -51.34
N LEU A 286 -35.91 27.84 -50.61
CA LEU A 286 -36.27 28.62 -49.43
C LEU A 286 -35.34 28.41 -48.24
N ASP A 287 -34.87 27.17 -48.07
CA ASP A 287 -33.97 26.83 -46.98
C ASP A 287 -32.61 27.49 -47.15
N ALA A 288 -32.05 27.40 -48.35
CA ALA A 288 -30.71 27.94 -48.63
C ALA A 288 -30.62 29.46 -48.44
N GLN A 289 -31.70 30.16 -48.76
CA GLN A 289 -31.77 31.59 -48.52
C GLN A 289 -31.69 31.89 -47.02
N LYS A 290 -32.32 31.03 -46.23
CA LYS A 290 -32.35 31.18 -44.77
C LYS A 290 -31.01 30.88 -44.11
N MET A 291 -29.97 30.62 -44.90
CA MET A 291 -28.67 30.31 -44.34
C MET A 291 -27.48 30.88 -45.11
N VAL A 292 -27.70 31.91 -45.93
CA VAL A 292 -26.61 32.57 -46.64
C VAL A 292 -25.66 33.26 -45.66
N TRP A 293 -24.37 33.32 -46.02
CA TRP A 293 -23.35 33.92 -45.16
C TRP A 293 -22.19 34.53 -45.97
N ASN A 294 -21.18 35.04 -45.28
CA ASN A 294 -20.03 35.68 -45.93
C ASN A 294 -18.96 34.72 -46.46
N HIS A 295 -19.13 33.42 -46.18
CA HIS A 295 -18.24 32.36 -46.68
C HIS A 295 -16.76 32.47 -46.29
N ARG A 296 -16.53 32.97 -45.07
CA ARG A 296 -15.20 32.97 -44.44
C ARG A 296 -15.35 32.53 -42.98
N HIS A 297 -14.38 31.79 -42.44
CA HIS A 297 -13.24 31.26 -43.16
C HIS A 297 -13.56 29.82 -43.55
N HIS A 298 -14.27 29.65 -44.67
CA HIS A 298 -14.70 28.34 -45.16
C HIS A 298 -13.50 27.41 -45.41
N HIS A 299 -13.76 26.10 -45.42
CA HIS A 299 -12.69 25.12 -45.63
C HIS A 299 -12.18 25.08 -47.07
N HIS A 300 -10.86 25.02 -47.22
CA HIS A 300 -10.21 24.95 -48.53
C HIS A 300 -10.11 23.50 -49.01
N ILE B 1 2.45 5.90 -28.30
CA ILE B 1 2.77 7.04 -29.22
C ILE B 1 1.73 8.16 -29.14
N GLN B 2 1.84 9.11 -30.07
CA GLN B 2 1.05 10.35 -30.02
C GLN B 2 0.22 10.54 -31.28
N LYS B 3 -1.10 10.53 -31.12
CA LYS B 3 -2.02 10.63 -32.24
C LYS B 3 -2.70 12.00 -32.30
N THR B 4 -2.74 12.57 -33.51
CA THR B 4 -3.22 13.93 -33.74
C THR B 4 -4.75 14.03 -33.74
N PRO B 5 -5.31 15.01 -33.00
CA PRO B 5 -6.76 15.24 -32.88
C PRO B 5 -7.42 15.67 -34.18
N GLN B 6 -8.50 15.01 -34.54
CA GLN B 6 -9.32 15.45 -35.67
C GLN B 6 -10.54 16.21 -35.13
N ILE B 7 -10.84 17.37 -35.73
CA ILE B 7 -11.87 18.26 -35.23
C ILE B 7 -13.02 18.42 -36.22
N GLN B 8 -14.24 18.19 -35.75
CA GLN B 8 -15.44 18.34 -36.58
C GLN B 8 -16.46 19.30 -35.95
N VAL B 9 -16.80 20.37 -36.66
CA VAL B 9 -17.80 21.33 -36.20
C VAL B 9 -19.10 21.25 -37.02
N TYR B 10 -20.22 21.14 -36.32
CA TYR B 10 -21.55 20.97 -36.95
C TYR B 10 -22.67 21.33 -35.98
N SER B 11 -23.79 21.78 -36.52
CA SER B 11 -24.93 22.21 -35.69
C SER B 11 -25.96 21.09 -35.53
N ARG B 12 -26.76 21.18 -34.47
CA ARG B 12 -27.72 20.12 -34.15
C ARG B 12 -28.98 20.20 -35.00
N HIS B 13 -29.28 21.39 -35.50
CA HIS B 13 -30.45 21.60 -36.35
C HIS B 13 -30.05 22.28 -37.66
N PRO B 14 -30.94 22.27 -38.66
CA PRO B 14 -30.67 23.03 -39.89
C PRO B 14 -30.39 24.50 -39.54
N PRO B 15 -29.23 25.01 -39.98
CA PRO B 15 -28.75 26.32 -39.54
C PRO B 15 -29.50 27.49 -40.17
N GLU B 16 -30.51 28.00 -39.47
CA GLU B 16 -31.20 29.20 -39.92
C GLU B 16 -30.61 30.43 -39.24
N ASN B 17 -30.37 31.48 -40.02
CA ASN B 17 -29.84 32.74 -39.49
C ASN B 17 -30.81 33.38 -38.51
N GLY B 18 -30.28 33.87 -37.40
CA GLY B 18 -31.09 34.56 -36.39
C GLY B 18 -31.94 33.65 -35.50
N LYS B 19 -31.83 32.34 -35.73
CA LYS B 19 -32.57 31.36 -34.94
C LYS B 19 -31.66 30.62 -33.95
N PRO B 20 -32.10 30.49 -32.69
CA PRO B 20 -31.31 29.86 -31.62
C PRO B 20 -31.04 28.39 -31.91
N ASN B 21 -29.79 27.97 -31.73
CA ASN B 21 -29.35 26.64 -32.12
C ASN B 21 -28.25 26.08 -31.20
N ILE B 22 -27.70 24.93 -31.54
CA ILE B 22 -26.61 24.31 -30.78
C ILE B 22 -25.44 23.94 -31.69
N LEU B 23 -24.24 24.42 -31.36
CA LEU B 23 -23.03 24.11 -32.13
C LEU B 23 -22.17 23.06 -31.46
N ASN B 24 -21.90 21.97 -32.19
CA ASN B 24 -21.09 20.88 -31.68
C ASN B 24 -19.66 20.95 -32.21
N CYS B 25 -18.71 20.67 -31.33
CA CYS B 25 -17.31 20.46 -31.71
C CYS B 25 -16.88 19.09 -31.23
N TYR B 26 -16.67 18.19 -32.18
CA TYR B 26 -16.44 16.79 -31.88
C TYR B 26 -14.99 16.42 -32.24
N VAL B 27 -14.14 16.35 -31.22
CA VAL B 27 -12.73 16.06 -31.40
C VAL B 27 -12.49 14.57 -31.20
N THR B 28 -11.78 13.95 -32.14
CA THR B 28 -11.58 12.51 -32.15
C THR B 28 -10.15 12.08 -32.44
N GLN B 29 -9.89 10.78 -32.27
CA GLN B 29 -8.66 10.12 -32.73
C GLN B 29 -7.37 10.72 -32.17
N PHE B 30 -7.42 11.15 -30.91
CA PHE B 30 -6.28 11.76 -30.26
C PHE B 30 -5.77 10.93 -29.08
N HIS B 31 -4.49 11.11 -28.75
CA HIS B 31 -3.82 10.38 -27.68
C HIS B 31 -2.51 11.11 -27.39
N PRO B 32 -2.20 11.36 -26.09
CA PRO B 32 -2.88 11.08 -24.82
C PRO B 32 -4.21 11.82 -24.64
N PRO B 33 -4.98 11.45 -23.59
CA PRO B 33 -6.29 12.03 -23.28
C PRO B 33 -6.31 13.53 -23.01
N HIS B 34 -5.29 14.04 -22.31
CA HIS B 34 -5.26 15.44 -21.91
C HIS B 34 -5.34 16.41 -23.09
N ILE B 35 -6.52 17.00 -23.28
CA ILE B 35 -6.77 17.97 -24.35
C ILE B 35 -7.51 19.20 -23.82
N GLU B 36 -7.22 20.36 -24.42
CA GLU B 36 -7.91 21.61 -24.08
C GLU B 36 -8.76 22.03 -25.25
N ILE B 37 -10.08 21.86 -25.12
CA ILE B 37 -11.01 22.13 -26.20
C ILE B 37 -11.79 23.41 -25.90
N GLN B 38 -11.81 24.32 -26.88
CA GLN B 38 -12.30 25.67 -26.68
C GLN B 38 -13.14 26.14 -27.86
N MET B 39 -14.23 26.84 -27.57
CA MET B 39 -15.12 27.34 -28.63
C MET B 39 -15.14 28.86 -28.64
N LEU B 40 -15.16 29.43 -29.85
CA LEU B 40 -14.95 30.86 -30.03
C LEU B 40 -16.03 31.49 -30.89
N LYS B 41 -16.48 32.67 -30.47
CA LYS B 41 -17.36 33.51 -31.28
C LYS B 41 -16.63 34.81 -31.61
N ASN B 42 -16.25 34.95 -32.89
CA ASN B 42 -15.42 36.06 -33.37
C ASN B 42 -14.09 36.17 -32.64
N GLY B 43 -13.42 35.04 -32.46
CA GLY B 43 -12.13 34.97 -31.76
C GLY B 43 -12.25 34.90 -30.25
N LYS B 44 -13.35 35.42 -29.70
CA LYS B 44 -13.58 35.48 -28.26
C LYS B 44 -14.11 34.15 -27.73
N LYS B 45 -13.55 33.71 -26.60
CA LYS B 45 -13.92 32.44 -25.98
C LYS B 45 -15.36 32.43 -25.46
N ILE B 46 -16.20 31.61 -26.07
CA ILE B 46 -17.60 31.45 -25.67
C ILE B 46 -17.67 30.98 -24.22
N PRO B 47 -18.45 31.68 -23.37
CA PRO B 47 -18.46 31.41 -21.93
C PRO B 47 -19.06 30.04 -21.58
N LYS B 48 -20.38 29.88 -21.71
CA LYS B 48 -21.05 28.66 -21.27
C LYS B 48 -20.93 27.55 -22.31
N VAL B 49 -19.79 26.86 -22.29
CA VAL B 49 -19.55 25.70 -23.14
C VAL B 49 -19.56 24.43 -22.29
N GLU B 50 -20.54 23.58 -22.55
CA GLU B 50 -20.66 22.30 -21.84
C GLU B 50 -19.93 21.21 -22.63
N MET B 51 -19.41 20.23 -21.91
CA MET B 51 -18.67 19.14 -22.54
C MET B 51 -19.09 17.78 -22.00
N SER B 52 -19.04 16.78 -22.87
CA SER B 52 -19.37 15.40 -22.50
C SER B 52 -18.18 14.73 -21.84
N ASP B 53 -18.42 13.53 -21.30
CA ASP B 53 -17.35 12.73 -20.72
C ASP B 53 -16.50 12.11 -21.81
N MET B 54 -15.18 12.19 -21.64
CA MET B 54 -14.25 11.57 -22.57
C MET B 54 -14.43 10.06 -22.53
N SER B 55 -14.21 9.43 -23.69
CA SER B 55 -14.29 7.99 -23.85
C SER B 55 -13.24 7.62 -24.89
N PHE B 56 -13.18 6.35 -25.26
CA PHE B 56 -12.34 5.93 -26.38
C PHE B 56 -13.04 4.88 -27.23
N SER B 57 -12.51 4.65 -28.42
CA SER B 57 -13.10 3.72 -29.38
C SER B 57 -12.30 2.42 -29.45
N LYS B 58 -12.72 1.52 -30.34
CA LYS B 58 -12.04 0.23 -30.55
C LYS B 58 -10.59 0.40 -30.99
N ASP B 59 -10.27 1.57 -31.57
CA ASP B 59 -8.91 1.93 -31.97
C ASP B 59 -8.06 2.36 -30.77
N TRP B 60 -8.71 2.46 -29.60
CA TRP B 60 -8.09 2.93 -28.34
C TRP B 60 -7.89 4.44 -28.33
N SER B 61 -8.18 5.10 -29.45
CA SER B 61 -8.07 6.55 -29.55
C SER B 61 -9.23 7.21 -28.83
N PHE B 62 -8.95 8.31 -28.15
CA PHE B 62 -9.95 9.00 -27.34
C PHE B 62 -10.87 9.87 -28.20
N TYR B 63 -12.00 10.26 -27.64
CA TYR B 63 -12.93 11.18 -28.29
C TYR B 63 -13.80 11.91 -27.27
N ILE B 64 -13.99 13.21 -27.50
CA ILE B 64 -14.79 14.04 -26.60
C ILE B 64 -15.66 15.01 -27.40
N LEU B 65 -16.88 15.25 -26.92
CA LEU B 65 -17.81 16.16 -27.57
C LEU B 65 -18.02 17.45 -26.80
N ALA B 66 -17.77 18.57 -27.46
CA ALA B 66 -18.04 19.90 -26.89
C ALA B 66 -19.25 20.50 -27.58
N HIS B 67 -20.15 21.11 -26.82
CA HIS B 67 -21.35 21.74 -27.38
C HIS B 67 -21.74 23.03 -26.66
N THR B 68 -22.29 23.98 -27.41
CA THR B 68 -22.76 25.25 -26.85
C THR B 68 -23.95 25.80 -27.62
N GLU B 69 -24.78 26.57 -26.92
CA GLU B 69 -25.90 27.30 -27.53
C GLU B 69 -25.36 28.51 -28.31
N PHE B 70 -25.91 28.73 -29.51
CA PHE B 70 -25.46 29.81 -30.38
C PHE B 70 -26.53 30.26 -31.37
N THR B 71 -26.44 31.51 -31.81
CA THR B 71 -27.35 32.06 -32.82
C THR B 71 -26.54 32.44 -34.06
N PRO B 72 -26.60 31.61 -35.12
CA PRO B 72 -25.85 31.90 -36.33
C PRO B 72 -26.43 33.07 -37.13
N THR B 73 -25.55 33.89 -37.69
CA THR B 73 -25.93 34.98 -38.57
C THR B 73 -25.08 34.93 -39.83
N GLU B 74 -25.31 35.86 -40.75
CA GLU B 74 -24.55 35.94 -42.00
C GLU B 74 -23.09 36.34 -41.78
N THR B 75 -22.81 37.02 -40.67
CA THR B 75 -21.49 37.61 -40.43
C THR B 75 -20.71 37.03 -39.24
N ASP B 76 -21.42 36.56 -38.21
CA ASP B 76 -20.76 35.97 -37.02
C ASP B 76 -20.02 34.67 -37.34
N THR B 77 -18.76 34.59 -36.91
CA THR B 77 -17.92 33.43 -37.23
C THR B 77 -17.67 32.58 -35.99
N TYR B 78 -17.82 31.26 -36.15
CA TYR B 78 -17.66 30.32 -35.07
C TYR B 78 -16.53 29.35 -35.34
N ALA B 79 -15.76 29.02 -34.30
CA ALA B 79 -14.57 28.18 -34.45
C ALA B 79 -14.36 27.28 -33.24
N CYS B 80 -13.51 26.27 -33.43
CA CYS B 80 -13.14 25.36 -32.36
C CYS B 80 -11.62 25.24 -32.26
N ARG B 81 -11.07 25.71 -31.14
CA ARG B 81 -9.63 25.69 -30.91
C ARG B 81 -9.23 24.57 -29.95
N VAL B 82 -8.38 23.67 -30.44
CA VAL B 82 -7.94 22.51 -29.68
C VAL B 82 -6.43 22.56 -29.41
N LYS B 83 -6.06 22.40 -28.14
CA LYS B 83 -4.66 22.37 -27.73
C LYS B 83 -4.27 20.95 -27.32
N HIS B 84 -3.15 20.47 -27.85
CA HIS B 84 -2.70 19.10 -27.63
C HIS B 84 -1.19 19.04 -27.80
N ALA B 85 -0.55 18.06 -27.16
CA ALA B 85 0.90 17.94 -27.18
C ALA B 85 1.44 17.38 -28.50
N SER B 86 0.57 16.75 -29.29
CA SER B 86 0.93 16.23 -30.62
C SER B 86 1.00 17.32 -31.70
N MET B 87 0.61 18.54 -31.33
CA MET B 87 0.70 19.71 -32.21
C MET B 87 1.64 20.77 -31.64
N ALA B 88 2.26 21.55 -32.52
CA ALA B 88 3.10 22.67 -32.09
C ALA B 88 2.25 23.85 -31.65
N GLU B 89 1.39 24.32 -32.57
CA GLU B 89 0.41 25.35 -32.24
C GLU B 89 -0.97 24.72 -32.04
N PRO B 90 -1.90 25.44 -31.39
CA PRO B 90 -3.28 24.94 -31.30
C PRO B 90 -3.96 24.90 -32.67
N LYS B 91 -4.80 23.88 -32.89
CA LYS B 91 -5.53 23.76 -34.15
C LYS B 91 -6.91 24.40 -34.03
N THR B 92 -7.17 25.35 -34.93
CA THR B 92 -8.44 26.07 -34.95
C THR B 92 -9.22 25.68 -36.21
N VAL B 93 -10.46 25.25 -36.02
CA VAL B 93 -11.33 24.84 -37.14
C VAL B 93 -12.65 25.62 -37.11
N TYR B 94 -12.86 26.45 -38.12
CA TYR B 94 -14.05 27.28 -38.21
C TYR B 94 -15.28 26.50 -38.69
N TRP B 95 -16.46 26.88 -38.18
CA TRP B 95 -17.72 26.26 -38.59
C TRP B 95 -18.10 26.64 -40.01
N ASP B 96 -18.36 25.63 -40.82
CA ASP B 96 -18.78 25.81 -42.20
C ASP B 96 -20.09 25.07 -42.41
N ARG B 97 -21.20 25.81 -42.35
CA ARG B 97 -22.55 25.23 -42.47
C ARG B 97 -22.76 24.41 -43.75
N ASP B 98 -21.88 24.61 -44.72
CA ASP B 98 -21.99 23.94 -46.02
C ASP B 98 -21.25 22.61 -46.09
N MET B 99 -20.06 22.54 -45.49
CA MET B 99 -19.19 21.36 -45.61
C MET B 99 -19.62 20.20 -44.71
N THR C 1 -1.78 5.79 13.96
CA THR C 1 -1.44 4.40 13.52
C THR C 1 -2.67 3.68 13.01
N GLN C 2 -2.49 2.91 11.94
CA GLN C 2 -3.59 2.17 11.32
C GLN C 2 -3.87 0.82 11.98
N VAL C 3 -2.89 0.29 12.72
CA VAL C 3 -3.05 -0.96 13.47
C VAL C 3 -2.86 -0.69 14.96
N GLU C 4 -3.86 -1.08 15.76
CA GLU C 4 -3.85 -0.82 17.20
C GLU C 4 -4.04 -2.12 18.00
N GLN C 5 -3.29 -2.25 19.09
CA GLN C 5 -3.32 -3.47 19.91
C GLN C 5 -3.64 -3.20 21.37
N SER C 6 -4.51 -4.04 21.92
CA SER C 6 -4.82 -4.06 23.34
C SER C 6 -4.46 -5.43 23.90
N PRO C 7 -4.01 -5.50 25.16
CA PRO C 7 -3.65 -4.39 26.03
C PRO C 7 -2.22 -3.94 25.76
N GLN C 8 -1.80 -2.84 26.40
CA GLN C 8 -0.43 -2.37 26.29
C GLN C 8 0.52 -3.51 26.66
N SER C 9 0.32 -4.05 27.86
CA SER C 9 1.03 -5.25 28.30
C SER C 9 0.09 -6.14 29.10
N LEU C 10 0.34 -7.45 29.04
CA LEU C 10 -0.51 -8.42 29.72
C LEU C 10 0.30 -9.34 30.64
N VAL C 11 -0.24 -9.57 31.83
CA VAL C 11 0.40 -10.43 32.81
C VAL C 11 -0.50 -11.62 33.12
N VAL C 12 0.00 -12.83 32.86
CA VAL C 12 -0.76 -14.07 33.11
C VAL C 12 -0.01 -15.08 33.99
N ARG C 13 -0.73 -15.72 34.90
CA ARG C 13 -0.16 -16.79 35.71
C ARG C 13 0.14 -17.99 34.80
N GLN C 14 1.39 -18.46 34.84
CA GLN C 14 1.85 -19.64 34.09
C GLN C 14 0.79 -20.74 34.04
N GLY C 15 0.50 -21.21 32.82
CA GLY C 15 -0.45 -22.31 32.63
C GLY C 15 -1.92 -21.91 32.59
N GLU C 16 -2.19 -20.64 32.28
CA GLU C 16 -3.55 -20.17 32.07
C GLU C 16 -3.73 -19.72 30.64
N ASN C 17 -4.91 -19.16 30.34
CA ASN C 17 -5.21 -18.65 29.00
C ASN C 17 -4.90 -17.17 28.89
N SER C 18 -4.21 -16.78 27.82
CA SER C 18 -3.94 -15.38 27.55
C SER C 18 -4.53 -14.95 26.21
N VAL C 19 -5.18 -13.79 26.22
CA VAL C 19 -5.94 -13.29 25.08
C VAL C 19 -5.40 -11.93 24.66
N LEU C 20 -5.04 -11.82 23.38
CA LEU C 20 -4.51 -10.57 22.83
C LEU C 20 -5.44 -10.01 21.75
N GLN C 21 -5.57 -8.68 21.73
CA GLN C 21 -6.49 -7.99 20.82
C GLN C 21 -5.78 -7.19 19.74
N CYS C 22 -6.44 -7.05 18.58
CA CYS C 22 -5.92 -6.24 17.48
C CYS C 22 -7.07 -5.60 16.71
N ASN C 23 -7.01 -4.29 16.53
CA ASN C 23 -7.99 -3.55 15.75
C ASN C 23 -7.27 -2.71 14.72
N TYR C 24 -7.78 -2.70 13.49
CA TYR C 24 -7.11 -1.99 12.41
C TYR C 24 -8.08 -1.18 11.55
N SER C 25 -7.53 -0.22 10.81
CA SER C 25 -8.31 0.60 9.88
C SER C 25 -7.68 0.56 8.48
N VAL C 26 -6.94 -0.51 8.20
CA VAL C 26 -6.24 -0.67 6.93
C VAL C 26 -7.21 -1.08 5.83
N THR C 27 -7.10 -0.41 4.68
CA THR C 27 -7.91 -0.71 3.50
C THR C 27 -7.02 -0.68 2.25
N PRO C 28 -6.97 -1.80 1.50
CA PRO C 28 -7.72 -3.02 1.74
C PRO C 28 -7.02 -3.94 2.74
N ASP C 29 -7.81 -4.73 3.48
CA ASP C 29 -7.26 -5.71 4.40
C ASP C 29 -7.26 -7.11 3.81
N ASN C 30 -6.14 -7.47 3.17
CA ASN C 30 -6.01 -8.76 2.53
C ASN C 30 -5.81 -9.88 3.55
N HIS C 31 -4.76 -9.77 4.34
CA HIS C 31 -4.44 -10.78 5.35
C HIS C 31 -3.93 -10.15 6.63
N LEU C 32 -4.04 -10.91 7.72
CA LEU C 32 -3.51 -10.50 9.01
C LEU C 32 -2.59 -11.61 9.53
N ARG C 33 -1.46 -11.18 10.09
CA ARG C 33 -0.46 -12.10 10.57
C ARG C 33 -0.02 -11.70 11.97
N TRP C 34 0.11 -12.68 12.87
CA TRP C 34 0.66 -12.47 14.21
C TRP C 34 2.12 -12.91 14.29
N PHE C 35 2.93 -12.10 14.95
CA PHE C 35 4.35 -12.40 15.14
C PHE C 35 4.69 -12.51 16.62
N LYS C 36 5.71 -13.31 16.93
CA LYS C 36 6.27 -13.38 18.27
C LYS C 36 7.69 -12.85 18.25
N GLN C 37 7.96 -11.85 19.09
CA GLN C 37 9.31 -11.30 19.21
C GLN C 37 9.85 -11.46 20.62
N ASP C 38 10.74 -12.43 20.78
CA ASP C 38 11.42 -12.67 22.05
C ASP C 38 12.44 -11.55 22.28
N THR C 39 12.46 -11.02 23.51
CA THR C 39 13.30 -9.87 23.87
C THR C 39 14.76 -10.05 23.44
N GLY C 40 15.14 -9.30 22.41
CA GLY C 40 16.52 -9.30 21.92
C GLY C 40 16.75 -10.15 20.68
N LYS C 41 15.75 -10.19 19.81
CA LYS C 41 15.83 -10.96 18.56
C LYS C 41 14.83 -10.43 17.52
N GLY C 42 14.65 -11.19 16.44
CA GLY C 42 13.78 -10.77 15.34
C GLY C 42 12.33 -11.21 15.50
N LEU C 43 11.57 -11.09 14.42
CA LEU C 43 10.16 -11.48 14.40
C LEU C 43 9.98 -12.86 13.79
N VAL C 44 9.19 -13.70 14.46
CA VAL C 44 8.86 -15.03 13.94
C VAL C 44 7.36 -15.11 13.75
N SER C 45 6.94 -15.55 12.56
CA SER C 45 5.53 -15.63 12.20
C SER C 45 4.85 -16.84 12.82
N LEU C 46 3.80 -16.57 13.61
CA LEU C 46 3.05 -17.62 14.29
C LEU C 46 1.92 -18.20 13.45
N THR C 47 1.10 -17.32 12.86
CA THR C 47 -0.05 -17.74 12.05
C THR C 47 -0.53 -16.66 11.07
N VAL C 48 -1.30 -17.09 10.07
CA VAL C 48 -1.82 -16.19 9.03
C VAL C 48 -3.34 -16.33 8.91
N LEU C 49 -4.02 -15.19 8.77
CA LEU C 49 -5.48 -15.20 8.60
C LEU C 49 -5.87 -14.52 7.29
N VAL C 50 -6.65 -15.21 6.48
CA VAL C 50 -6.91 -14.79 5.10
C VAL C 50 -8.38 -14.40 4.86
N ASP C 51 -9.30 -15.28 5.27
CA ASP C 51 -10.71 -15.15 4.89
C ASP C 51 -11.50 -14.10 5.66
N GLN C 52 -12.55 -13.59 5.02
CA GLN C 52 -13.46 -12.58 5.59
C GLN C 52 -13.75 -12.84 7.07
N LYS C 53 -14.07 -14.09 7.39
CA LYS C 53 -14.15 -14.56 8.76
C LYS C 53 -13.35 -15.84 8.87
N ASP C 54 -12.14 -15.72 9.42
CA ASP C 54 -11.19 -16.84 9.43
C ASP C 54 -10.83 -17.27 10.85
N LYS C 55 -10.46 -18.54 10.98
CA LYS C 55 -9.92 -19.09 12.23
C LYS C 55 -8.74 -20.00 11.91
N THR C 56 -7.76 -20.01 12.81
CA THR C 56 -6.51 -20.74 12.59
C THR C 56 -5.95 -21.24 13.91
N SER C 57 -5.20 -22.34 13.83
CA SER C 57 -4.68 -22.99 15.04
C SER C 57 -3.29 -23.57 14.79
N ASN C 58 -2.34 -23.18 15.64
CA ASN C 58 -0.96 -23.65 15.53
C ASN C 58 -0.44 -24.10 16.88
N GLY C 59 -0.50 -25.41 17.12
CA GLY C 59 -0.12 -25.99 18.41
C GLY C 59 -1.02 -25.47 19.52
N ARG C 60 -0.50 -24.52 20.28
CA ARG C 60 -1.23 -23.95 21.42
C ARG C 60 -1.64 -22.49 21.19
N TYR C 61 -1.29 -21.97 20.00
CA TYR C 61 -1.78 -20.67 19.54
C TYR C 61 -3.00 -20.88 18.66
N SER C 62 -4.03 -20.08 18.88
CA SER C 62 -5.19 -20.04 17.99
C SER C 62 -5.57 -18.59 17.75
N ALA C 63 -6.08 -18.30 16.55
CA ALA C 63 -6.40 -16.92 16.20
C ALA C 63 -7.66 -16.81 15.34
N THR C 64 -8.36 -15.69 15.49
CA THR C 64 -9.55 -15.39 14.69
C THR C 64 -9.38 -14.08 13.92
N LEU C 65 -10.20 -13.90 12.88
CA LEU C 65 -10.23 -12.66 12.11
C LEU C 65 -11.64 -12.36 11.65
N ASP C 66 -12.12 -11.16 11.99
CA ASP C 66 -13.38 -10.66 11.48
C ASP C 66 -13.11 -9.39 10.69
N LYS C 67 -13.13 -9.53 9.37
CA LYS C 67 -12.82 -8.41 8.48
C LYS C 67 -13.92 -7.36 8.50
N ASP C 68 -15.14 -7.81 8.79
CA ASP C 68 -16.29 -6.92 8.96
C ASP C 68 -16.11 -5.97 10.14
N ALA C 69 -15.52 -6.48 11.21
CA ALA C 69 -15.26 -5.68 12.40
C ALA C 69 -13.86 -5.09 12.37
N LYS C 70 -13.06 -5.50 11.37
CA LYS C 70 -11.65 -5.16 11.27
C LYS C 70 -10.95 -5.50 12.58
N HIS C 71 -11.16 -6.71 13.07
CA HIS C 71 -10.73 -7.12 14.40
C HIS C 71 -10.09 -8.51 14.42
N SER C 72 -9.12 -8.70 15.30
CA SER C 72 -8.42 -9.98 15.46
C SER C 72 -8.11 -10.28 16.92
N THR C 73 -8.05 -11.56 17.25
CA THR C 73 -7.80 -12.03 18.61
C THR C 73 -6.82 -13.20 18.59
N LEU C 74 -5.76 -13.12 19.39
CA LEU C 74 -4.82 -14.23 19.53
C LEU C 74 -4.99 -14.88 20.90
N HIS C 75 -5.19 -16.19 20.91
CA HIS C 75 -5.31 -16.95 22.14
C HIS C 75 -4.09 -17.84 22.34
N ILE C 76 -3.48 -17.76 23.52
CA ILE C 76 -2.50 -18.75 23.92
C ILE C 76 -3.10 -19.56 25.06
N THR C 77 -3.28 -20.85 24.82
CA THR C 77 -3.84 -21.78 25.80
C THR C 77 -2.72 -22.47 26.58
N ALA C 78 -2.85 -22.51 27.90
CA ALA C 78 -1.86 -23.09 28.81
C ALA C 78 -0.49 -22.45 28.62
N THR C 79 -0.37 -21.20 29.05
CA THR C 79 0.80 -20.38 28.75
C THR C 79 2.06 -20.90 29.45
N LEU C 80 3.20 -20.73 28.77
CA LEU C 80 4.48 -21.20 29.29
C LEU C 80 5.39 -20.04 29.70
N LEU C 81 6.42 -20.35 30.48
CA LEU C 81 7.39 -19.35 30.92
C LEU C 81 8.14 -18.77 29.72
N ASP C 82 8.43 -19.63 28.74
CA ASP C 82 9.15 -19.23 27.52
C ASP C 82 8.21 -18.61 26.47
N ASP C 83 7.05 -18.14 26.92
CA ASP C 83 6.12 -17.41 26.06
C ASP C 83 6.15 -15.91 26.36
N THR C 84 7.07 -15.52 27.23
CA THR C 84 7.30 -14.10 27.52
C THR C 84 7.96 -13.45 26.33
N ALA C 85 7.18 -12.63 25.63
CA ALA C 85 7.59 -11.99 24.38
C ALA C 85 6.64 -10.85 24.02
N THR C 86 6.99 -10.10 22.99
CA THR C 86 6.09 -9.12 22.42
C THR C 86 5.44 -9.72 21.20
N TYR C 87 4.12 -9.67 21.15
CA TYR C 87 3.39 -10.22 20.03
C TYR C 87 2.86 -9.08 19.18
N ILE C 88 3.19 -9.13 17.90
CA ILE C 88 2.94 -8.03 16.96
C ILE C 88 1.89 -8.39 15.91
N CYS C 89 0.90 -7.52 15.76
CA CYS C 89 -0.20 -7.71 14.83
C CYS C 89 0.12 -6.99 13.52
N VAL C 90 0.15 -7.75 12.43
CA VAL C 90 0.52 -7.19 11.12
C VAL C 90 -0.58 -7.40 10.08
N VAL C 91 -1.02 -6.30 9.46
CA VAL C 91 -1.99 -6.37 8.38
C VAL C 91 -1.29 -6.10 7.05
N GLY C 92 -1.48 -7.00 6.08
CA GLY C 92 -0.93 -6.84 4.75
C GLY C 92 -2.01 -6.41 3.77
N ASP C 93 -1.77 -5.30 3.06
CA ASP C 93 -2.82 -4.70 2.23
C ASP C 93 -2.95 -5.25 0.79
N ARG C 94 -2.08 -6.19 0.42
CA ARG C 94 -2.18 -6.90 -0.86
C ARG C 94 -1.83 -8.37 -0.70
N GLY C 95 -2.36 -9.20 -1.59
CA GLY C 95 -2.03 -10.62 -1.60
C GLY C 95 -0.90 -10.95 -2.57
N SER C 96 -0.07 -9.94 -2.85
CA SER C 96 1.04 -10.09 -3.79
C SER C 96 2.25 -9.30 -3.33
N ALA C 97 3.30 -9.31 -4.16
CA ALA C 97 4.57 -8.66 -3.84
C ALA C 97 4.44 -7.15 -3.63
N LEU C 98 3.45 -6.54 -4.28
CA LEU C 98 3.27 -5.08 -4.29
C LEU C 98 2.62 -4.56 -3.00
N GLY C 99 2.43 -5.44 -2.03
CA GLY C 99 1.84 -5.07 -0.76
C GLY C 99 2.79 -4.35 0.18
N ARG C 100 2.21 -3.61 1.13
CA ARG C 100 2.98 -3.00 2.18
C ARG C 100 2.38 -3.43 3.52
N LEU C 101 3.22 -3.92 4.42
CA LEU C 101 2.76 -4.40 5.72
C LEU C 101 2.52 -3.26 6.68
N HIS C 102 1.46 -3.40 7.48
CA HIS C 102 1.11 -2.42 8.51
C HIS C 102 1.31 -3.03 9.89
N PHE C 103 2.11 -2.38 10.72
CA PHE C 103 2.54 -2.96 12.00
C PHE C 103 1.86 -2.32 13.22
N GLY C 104 1.42 -3.15 14.14
CA GLY C 104 0.93 -2.67 15.42
C GLY C 104 2.10 -2.42 16.35
N ALA C 105 1.84 -1.70 17.44
CA ALA C 105 2.88 -1.40 18.43
C ALA C 105 3.31 -2.66 19.19
N GLY C 106 2.46 -3.68 19.17
CA GLY C 106 2.72 -4.93 19.87
C GLY C 106 2.26 -4.95 21.31
N THR C 107 1.76 -6.09 21.75
CA THR C 107 1.46 -6.35 23.14
C THR C 107 2.62 -7.10 23.75
N GLN C 108 3.04 -6.69 24.95
CA GLN C 108 4.10 -7.34 25.67
C GLN C 108 3.49 -8.27 26.73
N LEU C 109 3.79 -9.56 26.62
CA LEU C 109 3.25 -10.58 27.53
C LEU C 109 4.30 -11.03 28.54
N ILE C 110 3.99 -10.88 29.83
CA ILE C 110 4.90 -11.30 30.91
C ILE C 110 4.25 -12.39 31.75
N VAL C 111 4.87 -13.57 31.77
CA VAL C 111 4.29 -14.73 32.44
C VAL C 111 4.88 -14.97 33.83
N ILE C 112 4.11 -14.62 34.85
CA ILE C 112 4.49 -14.84 36.24
C ILE C 112 4.36 -16.33 36.58
N PRO C 113 5.44 -16.94 37.12
CA PRO C 113 5.44 -18.37 37.41
C PRO C 113 4.63 -18.72 38.66
N ASP C 114 4.03 -19.91 38.69
CA ASP C 114 3.27 -20.35 39.85
C ASP C 114 4.18 -20.97 40.90
N ILE C 115 4.54 -20.19 41.91
CA ILE C 115 5.37 -20.66 43.01
C ILE C 115 4.54 -21.42 44.03
N GLN C 116 4.79 -22.72 44.13
CA GLN C 116 3.99 -23.60 44.99
C GLN C 116 4.35 -23.41 46.47
N ASN C 117 5.64 -23.39 46.77
CA ASN C 117 6.13 -23.20 48.13
C ASN C 117 7.06 -22.00 48.20
N PRO C 118 6.53 -20.84 48.61
CA PRO C 118 7.35 -19.65 48.77
C PRO C 118 8.27 -19.79 49.98
N ASP C 119 9.52 -19.36 49.83
CA ASP C 119 10.49 -19.38 50.92
C ASP C 119 11.18 -18.00 51.04
N PRO C 120 10.40 -16.93 51.30
CA PRO C 120 10.89 -15.55 51.20
C PRO C 120 12.09 -15.30 52.11
N ALA C 121 13.13 -14.69 51.55
CA ALA C 121 14.37 -14.46 52.28
C ALA C 121 15.23 -13.41 51.58
N VAL C 122 16.03 -12.70 52.38
CA VAL C 122 16.99 -11.73 51.87
C VAL C 122 18.36 -12.08 52.42
N TYR C 123 19.26 -12.46 51.51
CA TYR C 123 20.60 -12.88 51.88
C TYR C 123 21.63 -11.79 51.57
N GLN C 124 22.80 -11.88 52.19
CA GLN C 124 23.90 -10.99 51.86
C GLN C 124 25.02 -11.77 51.22
N LEU C 125 25.42 -11.34 50.03
CA LEU C 125 26.43 -12.02 49.25
C LEU C 125 27.66 -11.15 49.13
N ARG C 126 28.83 -11.70 49.43
CA ARG C 126 30.06 -10.92 49.44
C ARG C 126 30.90 -11.13 48.17
N ASP C 127 31.57 -10.05 47.76
CA ASP C 127 32.42 -10.03 46.56
C ASP C 127 33.46 -11.13 46.60
N SER C 128 33.67 -11.75 45.45
CA SER C 128 34.66 -12.82 45.30
C SER C 128 36.09 -12.31 45.51
N LYS C 129 36.34 -11.07 45.10
CA LYS C 129 37.67 -10.47 45.20
C LYS C 129 37.80 -9.54 46.40
N SER C 130 36.93 -8.54 46.49
CA SER C 130 37.02 -7.52 47.53
C SER C 130 36.01 -7.75 48.65
N SER C 131 36.48 -8.37 49.73
CA SER C 131 35.64 -8.68 50.90
C SER C 131 34.64 -7.58 51.23
N ASP C 132 35.09 -6.33 51.14
CA ASP C 132 34.30 -5.14 51.50
C ASP C 132 32.98 -4.98 50.72
N LYS C 133 33.01 -5.17 49.40
CA LYS C 133 31.80 -5.06 48.57
C LYS C 133 30.82 -6.21 48.81
N SER C 134 29.54 -5.88 48.85
CA SER C 134 28.48 -6.86 49.08
C SER C 134 27.14 -6.46 48.46
N VAL C 135 26.30 -7.44 48.19
CA VAL C 135 24.95 -7.23 47.65
C VAL C 135 23.88 -7.87 48.54
N CYS C 136 22.62 -7.49 48.31
CA CYS C 136 21.49 -8.13 48.97
C CYS C 136 20.63 -8.82 47.92
N LEU C 137 20.24 -10.06 48.20
CA LEU C 137 19.42 -10.83 47.29
C LEU C 137 18.08 -11.19 47.91
N PHE C 138 17.01 -10.52 47.48
CA PHE C 138 15.65 -10.89 47.87
C PHE C 138 15.22 -12.02 46.97
N THR C 139 14.89 -13.17 47.55
CA THR C 139 14.64 -14.37 46.74
C THR C 139 13.59 -15.34 47.31
N ASP C 140 13.04 -16.17 46.42
CA ASP C 140 12.05 -17.20 46.73
C ASP C 140 10.73 -16.65 47.28
N PHE C 141 10.37 -15.44 46.87
CA PHE C 141 9.07 -14.87 47.20
C PHE C 141 8.04 -15.28 46.15
N ASP C 142 6.75 -15.19 46.50
CA ASP C 142 5.69 -15.55 45.58
C ASP C 142 5.38 -14.39 44.62
N SER C 143 4.85 -14.75 43.45
CA SER C 143 4.57 -13.81 42.37
C SER C 143 3.65 -12.64 42.75
N GLN C 144 3.01 -12.74 43.91
CA GLN C 144 2.18 -11.66 44.45
C GLN C 144 3.02 -10.44 44.83
N THR C 145 4.26 -10.67 45.22
CA THR C 145 5.18 -9.60 45.65
C THR C 145 5.72 -8.79 44.47
N ASN C 146 5.60 -7.47 44.57
CA ASN C 146 6.19 -6.52 43.62
C ASN C 146 7.36 -5.78 44.26
N VAL C 147 8.51 -5.78 43.57
CA VAL C 147 9.71 -5.14 44.09
C VAL C 147 9.85 -3.69 43.63
N SER C 148 9.51 -2.77 44.54
CA SER C 148 9.56 -1.33 44.29
C SER C 148 10.99 -0.81 44.15
N GLN C 149 11.12 0.40 43.61
CA GLN C 149 12.41 1.04 43.42
C GLN C 149 12.82 1.82 44.68
N SER C 150 14.00 2.44 44.63
CA SER C 150 14.51 3.19 45.77
C SER C 150 14.15 4.68 45.73
N LYS C 151 13.78 5.21 46.89
CA LYS C 151 13.55 6.64 47.07
C LYS C 151 14.88 7.35 47.37
N ASP C 152 15.90 6.56 47.68
CA ASP C 152 17.24 7.07 47.95
C ASP C 152 18.12 6.84 46.73
N SER C 153 18.83 7.88 46.30
CA SER C 153 19.64 7.82 45.08
C SER C 153 20.90 6.97 45.22
N ASP C 154 21.30 6.67 46.46
CA ASP C 154 22.51 5.89 46.71
C ASP C 154 22.25 4.37 46.68
N VAL C 155 20.97 3.99 46.74
CA VAL C 155 20.57 2.58 46.77
C VAL C 155 19.99 2.13 45.44
N TYR C 156 20.52 1.02 44.90
CA TYR C 156 20.06 0.48 43.63
C TYR C 156 19.34 -0.84 43.81
N ILE C 157 18.07 -0.90 43.41
CA ILE C 157 17.29 -2.14 43.45
C ILE C 157 16.84 -2.51 42.04
N THR C 158 16.96 -3.79 41.69
CA THR C 158 16.50 -4.25 40.38
C THR C 158 15.07 -4.80 40.47
N ASP C 159 14.41 -4.90 39.31
CA ASP C 159 13.06 -5.47 39.23
C ASP C 159 13.13 -6.98 39.34
N LYS C 160 12.03 -7.62 39.74
CA LYS C 160 11.97 -9.07 39.92
C LYS C 160 12.36 -9.81 38.65
N CYS C 161 12.87 -11.03 38.82
CA CYS C 161 13.44 -11.78 37.71
C CYS C 161 13.36 -13.29 37.97
N VAL C 162 12.67 -13.98 37.07
CA VAL C 162 12.38 -15.41 37.21
C VAL C 162 13.50 -16.26 36.64
N LEU C 163 14.00 -17.19 37.45
CA LEU C 163 14.96 -18.19 36.98
C LEU C 163 14.39 -19.60 37.10
N ASP C 164 14.71 -20.45 36.14
CA ASP C 164 14.24 -21.83 36.10
C ASP C 164 15.42 -22.79 36.16
N MET C 165 15.42 -23.65 37.17
CA MET C 165 16.39 -24.75 37.26
C MET C 165 15.80 -25.99 36.58
N ARG C 166 16.28 -26.26 35.37
CA ARG C 166 15.66 -27.23 34.46
C ARG C 166 15.55 -28.65 35.01
N SER C 167 16.64 -29.15 35.58
CA SER C 167 16.72 -30.54 36.07
C SER C 167 15.91 -30.75 37.35
N MET C 168 15.60 -29.65 38.03
CA MET C 168 14.93 -29.69 39.32
C MET C 168 13.47 -29.27 39.22
N ASP C 169 13.07 -28.77 38.04
CA ASP C 169 11.72 -28.25 37.79
C ASP C 169 11.37 -27.13 38.78
N PHE C 170 12.40 -26.42 39.24
CA PHE C 170 12.26 -25.39 40.26
C PHE C 170 12.39 -23.99 39.66
N LYS C 171 11.32 -23.19 39.79
CA LYS C 171 11.32 -21.79 39.39
C LYS C 171 11.39 -20.91 40.64
N SER C 172 12.05 -19.76 40.52
CA SER C 172 12.10 -18.80 41.63
C SER C 172 12.27 -17.36 41.16
N ASN C 173 11.76 -16.43 41.97
CA ASN C 173 11.95 -14.99 41.74
C ASN C 173 13.09 -14.46 42.58
N SER C 174 13.71 -13.39 42.10
CA SER C 174 14.83 -12.78 42.82
C SER C 174 15.12 -11.38 42.35
N ALA C 175 15.13 -10.44 43.30
CA ALA C 175 15.57 -9.07 43.05
C ALA C 175 16.89 -8.82 43.76
N VAL C 176 17.69 -7.90 43.23
CA VAL C 176 18.99 -7.59 43.82
C VAL C 176 19.11 -6.12 44.21
N ALA C 177 19.60 -5.88 45.42
CA ALA C 177 19.87 -4.54 45.89
C ALA C 177 21.30 -4.40 46.37
N TRP C 178 21.87 -3.22 46.15
CA TRP C 178 23.18 -2.88 46.69
C TRP C 178 23.30 -1.37 46.87
N SER C 179 24.21 -0.95 47.74
CA SER C 179 24.54 0.46 47.90
C SER C 179 25.98 0.58 48.35
N ASN C 180 26.56 1.76 48.10
CA ASN C 180 27.91 2.05 48.60
C ASN C 180 27.88 2.81 49.92
N LYS C 181 26.78 3.51 50.18
CA LYS C 181 26.59 4.36 51.37
C LYS C 181 27.08 3.74 52.67
N PHE C 184 23.91 1.14 55.61
CA PHE C 184 23.10 0.30 54.71
C PHE C 184 23.19 -1.19 55.03
N ALA C 185 22.11 -1.74 55.55
CA ALA C 185 22.01 -3.16 55.87
C ALA C 185 21.00 -3.86 54.97
N CYS C 186 21.18 -5.16 54.76
CA CYS C 186 20.30 -5.96 53.91
C CYS C 186 18.88 -6.09 54.45
N ALA C 187 18.76 -6.17 55.78
CA ALA C 187 17.45 -6.27 56.41
C ALA C 187 16.53 -5.15 55.96
N ASN C 188 17.02 -3.92 55.97
CA ASN C 188 16.24 -2.78 55.51
C ASN C 188 16.73 -2.21 54.18
N ALA C 189 16.77 -3.07 53.17
CA ALA C 189 17.20 -2.68 51.83
C ALA C 189 16.00 -2.60 50.90
N PHE C 190 15.16 -3.64 50.96
CA PHE C 190 13.95 -3.70 50.16
C PHE C 190 12.76 -3.15 50.92
N ASN C 191 13.00 -2.08 51.68
CA ASN C 191 11.97 -1.53 52.56
C ASN C 191 10.75 -1.01 51.80
N ASN C 192 10.97 -0.44 50.61
CA ASN C 192 9.90 0.18 49.82
C ASN C 192 8.90 -0.78 49.18
N SER C 193 9.30 -2.05 49.06
CA SER C 193 8.38 -3.11 48.64
C SER C 193 7.60 -3.64 49.84
N ILE C 194 6.44 -4.23 49.58
CA ILE C 194 5.70 -4.93 50.64
C ILE C 194 6.28 -6.34 50.77
N ILE C 195 7.13 -6.53 51.78
CA ILE C 195 7.80 -7.80 52.02
C ILE C 195 6.96 -8.71 52.93
N PRO C 196 6.89 -10.02 52.61
CA PRO C 196 6.11 -11.02 53.37
C PRO C 196 6.49 -11.09 54.86
N GLU C 197 5.51 -11.44 55.69
CA GLU C 197 5.71 -11.54 57.15
C GLU C 197 6.75 -12.59 57.52
N ASP C 198 6.69 -13.74 56.85
CA ASP C 198 7.62 -14.85 57.14
C ASP C 198 8.91 -14.81 56.32
N THR C 199 9.32 -13.62 55.89
CA THR C 199 10.59 -13.45 55.17
C THR C 199 11.75 -13.69 56.13
N PHE C 200 12.79 -14.33 55.62
CA PHE C 200 13.95 -14.73 56.42
C PHE C 200 15.05 -13.69 56.29
N PHE C 201 15.38 -13.05 57.42
CA PHE C 201 16.44 -12.05 57.48
C PHE C 201 17.54 -12.52 58.42
N PRO C 202 18.51 -13.29 57.91
CA PRO C 202 19.58 -13.86 58.73
C PRO C 202 20.60 -12.81 59.17
N SER C 203 20.97 -12.84 60.45
CA SER C 203 21.95 -11.92 61.00
C SER C 203 23.33 -12.09 60.35
N PRO C 204 24.00 -10.96 60.02
CA PRO C 204 25.30 -11.00 59.36
C PRO C 204 26.47 -10.78 60.31
N ALA D 3 16.77 -18.17 6.21
CA ALA D 3 17.58 -17.37 7.17
C ALA D 3 18.07 -16.05 6.55
N VAL D 4 17.96 -14.97 7.33
CA VAL D 4 18.42 -13.65 6.88
C VAL D 4 19.42 -13.08 7.90
N THR D 5 20.67 -12.92 7.47
CA THR D 5 21.75 -12.47 8.34
C THR D 5 21.85 -10.95 8.37
N GLN D 6 22.39 -10.42 9.47
CA GLN D 6 22.66 -9.00 9.62
C GLN D 6 24.01 -8.77 10.27
N SER D 7 24.70 -7.72 9.83
CA SER D 7 25.92 -7.25 10.51
C SER D 7 26.02 -5.73 10.39
N PRO D 8 26.41 -5.05 11.49
CA PRO D 8 26.72 -5.63 12.80
C PRO D 8 25.44 -5.92 13.59
N ARG D 9 25.61 -6.46 14.80
CA ARG D 9 24.49 -6.71 15.69
C ARG D 9 24.30 -5.52 16.63
N ASN D 10 25.43 -4.94 17.05
CA ASN D 10 25.43 -3.71 17.87
C ASN D 10 26.41 -2.69 17.28
N LYS D 11 26.06 -1.40 17.41
CA LYS D 11 26.97 -0.33 16.97
C LYS D 11 26.82 0.96 17.78
N VAL D 12 27.95 1.49 18.22
CA VAL D 12 28.01 2.80 18.88
C VAL D 12 28.65 3.81 17.93
N ALA D 13 27.91 4.88 17.64
CA ALA D 13 28.33 5.88 16.65
C ALA D 13 28.22 7.32 17.17
N VAL D 14 28.95 8.23 16.52
CA VAL D 14 28.87 9.67 16.84
C VAL D 14 27.99 10.46 15.87
N THR D 15 27.60 11.66 16.28
CA THR D 15 26.88 12.59 15.42
C THR D 15 27.76 12.96 14.23
N GLY D 16 27.21 12.81 13.03
CA GLY D 16 27.93 13.15 11.81
C GLY D 16 28.91 12.10 11.34
N GLY D 17 28.73 10.86 11.80
CA GLY D 17 29.55 9.73 11.35
C GLY D 17 28.84 8.86 10.33
N LYS D 18 29.62 8.22 9.46
CA LYS D 18 29.07 7.35 8.41
C LYS D 18 28.91 5.91 8.93
N VAL D 19 27.67 5.42 8.93
CA VAL D 19 27.37 4.06 9.38
C VAL D 19 26.67 3.27 8.28
N THR D 20 27.06 2.00 8.14
CA THR D 20 26.51 1.10 7.13
C THR D 20 26.08 -0.22 7.74
N LEU D 21 24.79 -0.48 7.72
CA LEU D 21 24.25 -1.76 8.20
C LEU D 21 24.07 -2.71 7.03
N SER D 22 24.79 -3.83 7.07
CA SER D 22 24.71 -4.84 6.01
C SER D 22 23.66 -5.90 6.33
N CYS D 23 22.99 -6.38 5.29
CA CYS D 23 21.97 -7.42 5.42
C CYS D 23 22.09 -8.45 4.28
N ASN D 24 22.27 -9.71 4.67
CA ASN D 24 22.49 -10.79 3.71
C ASN D 24 21.39 -11.84 3.77
N GLN D 25 21.05 -12.42 2.62
CA GLN D 25 20.07 -13.52 2.55
C GLN D 25 20.39 -14.53 1.46
N THR D 26 20.32 -15.80 1.81
CA THR D 26 20.55 -16.89 0.86
C THR D 26 19.24 -17.58 0.50
N ASN D 27 18.12 -16.92 0.82
CA ASN D 27 16.80 -17.43 0.49
C ASN D 27 16.46 -17.29 -0.99
N ASN D 28 17.21 -16.42 -1.67
CA ASN D 28 17.02 -16.13 -3.09
C ASN D 28 15.74 -15.32 -3.36
N HIS D 29 15.49 -14.32 -2.51
CA HIS D 29 14.33 -13.45 -2.67
C HIS D 29 14.67 -12.21 -3.50
N ASN D 30 13.67 -11.71 -4.22
CA ASN D 30 13.84 -10.51 -5.02
C ASN D 30 13.68 -9.22 -4.22
N ASN D 31 12.78 -9.24 -3.25
CA ASN D 31 12.46 -8.05 -2.47
C ASN D 31 13.15 -8.03 -1.12
N MET D 32 13.67 -6.87 -0.74
CA MET D 32 14.30 -6.71 0.56
C MET D 32 13.91 -5.39 1.21
N TYR D 33 13.60 -5.45 2.50
CA TYR D 33 13.03 -4.32 3.23
C TYR D 33 13.90 -3.90 4.42
N TRP D 34 13.93 -2.60 4.70
CA TRP D 34 14.62 -2.07 5.88
C TRP D 34 13.64 -1.35 6.79
N TYR D 35 13.44 -1.89 7.99
CA TYR D 35 12.56 -1.27 8.98
C TYR D 35 13.34 -0.79 10.18
N ARG D 36 12.72 0.07 10.99
CA ARG D 36 13.27 0.44 12.29
C ARG D 36 12.19 0.37 13.38
N GLN D 37 12.57 -0.13 14.54
CA GLN D 37 11.65 -0.31 15.66
C GLN D 37 11.96 0.63 16.82
N ASP D 38 10.97 1.44 17.19
CA ASP D 38 11.05 2.31 18.36
C ASP D 38 9.83 2.04 19.24
N THR D 39 10.01 2.12 20.57
CA THR D 39 8.92 1.83 21.50
C THR D 39 7.71 2.74 21.27
N GLY D 40 6.52 2.17 21.46
CA GLY D 40 5.26 2.87 21.26
C GLY D 40 4.98 3.21 19.80
N HIS D 41 5.56 2.42 18.89
CA HIS D 41 5.38 2.64 17.46
C HIS D 41 4.96 1.41 16.67
N GLY D 42 5.84 0.40 16.62
CA GLY D 42 5.67 -0.71 15.69
C GLY D 42 6.41 -0.39 14.41
N LEU D 43 7.07 -1.40 13.83
CA LEU D 43 8.02 -1.23 12.72
C LEU D 43 7.59 -0.23 11.65
N ARG D 44 8.56 0.56 11.16
CA ARG D 44 8.33 1.54 10.12
C ARG D 44 9.31 1.38 8.95
N LEU D 45 8.81 1.60 7.74
CA LEU D 45 9.59 1.32 6.53
C LEU D 45 10.52 2.49 6.15
N ILE D 46 11.77 2.16 5.88
CA ILE D 46 12.78 3.17 5.54
C ILE D 46 13.10 3.14 4.05
N HIS D 47 13.57 1.99 3.58
CA HIS D 47 13.88 1.78 2.17
C HIS D 47 13.58 0.33 1.83
N TYR D 48 13.25 0.08 0.57
CA TYR D 48 12.96 -1.27 0.11
C TYR D 48 13.39 -1.42 -1.34
N SER D 49 13.77 -2.64 -1.71
CA SER D 49 14.21 -2.91 -3.08
C SER D 49 13.35 -3.95 -3.79
N TYR D 50 13.32 -3.89 -5.12
CA TYR D 50 12.59 -4.86 -5.94
C TYR D 50 13.49 -5.86 -6.65
N GLY D 51 14.80 -5.61 -6.59
CA GLY D 51 15.79 -6.47 -7.24
C GLY D 51 17.15 -5.81 -7.26
N ALA D 52 18.09 -6.41 -7.97
CA ALA D 52 19.45 -5.89 -8.06
C ALA D 52 19.50 -4.56 -8.81
N GLY D 53 20.02 -3.53 -8.12
CA GLY D 53 20.13 -2.19 -8.70
C GLY D 53 18.99 -1.25 -8.33
N SER D 54 17.92 -1.79 -7.75
CA SER D 54 16.75 -1.00 -7.37
C SER D 54 16.83 -0.51 -5.93
N THR D 55 16.39 0.73 -5.72
CA THR D 55 16.23 1.30 -4.38
C THR D 55 15.07 2.29 -4.37
N GLU D 56 14.17 2.12 -3.39
CA GLU D 56 12.96 2.93 -3.33
C GLU D 56 12.74 3.49 -1.93
N LYS D 57 12.49 4.80 -1.87
CA LYS D 57 12.20 5.47 -0.61
C LYS D 57 10.94 4.88 0.03
N GLY D 58 11.06 4.49 1.29
CA GLY D 58 9.93 3.94 2.04
C GLY D 58 9.08 5.02 2.68
N ASP D 59 8.64 4.79 3.91
CA ASP D 59 7.80 5.75 4.62
C ASP D 59 8.59 6.82 5.38
N ILE D 60 9.76 6.45 5.88
CA ILE D 60 10.62 7.42 6.60
C ILE D 60 12.10 7.38 6.15
N PRO D 61 12.37 7.79 4.89
CA PRO D 61 13.71 7.66 4.32
C PRO D 61 14.70 8.77 4.67
N ASP D 62 14.21 9.85 5.30
CA ASP D 62 15.06 10.99 5.65
C ASP D 62 16.25 10.59 6.52
N GLY D 63 17.44 11.04 6.13
CA GLY D 63 18.67 10.70 6.83
C GLY D 63 19.25 9.35 6.45
N TYR D 64 18.51 8.58 5.66
CA TYR D 64 18.94 7.24 5.25
C TYR D 64 19.08 7.13 3.74
N LYS D 65 20.08 6.34 3.30
CA LYS D 65 20.32 6.10 1.88
C LYS D 65 20.69 4.64 1.65
N ALA D 66 19.70 3.80 1.38
CA ALA D 66 19.95 2.38 1.10
C ALA D 66 20.56 2.17 -0.28
N SER D 67 21.17 0.99 -0.47
CA SER D 67 21.77 0.61 -1.75
C SER D 67 21.82 -0.91 -1.89
N ARG D 68 21.45 -1.42 -3.07
CA ARG D 68 21.49 -2.86 -3.32
C ARG D 68 22.44 -3.22 -4.45
N PRO D 69 23.68 -3.61 -4.10
CA PRO D 69 24.70 -3.99 -5.09
C PRO D 69 24.39 -5.30 -5.81
N SER D 70 23.82 -6.27 -5.09
CA SER D 70 23.54 -7.60 -5.63
C SER D 70 22.21 -8.15 -5.09
N GLN D 71 21.90 -9.40 -5.47
CA GLN D 71 20.69 -10.08 -5.02
C GLN D 71 20.74 -10.35 -3.51
N GLU D 72 21.82 -10.99 -3.08
CA GLU D 72 21.99 -11.44 -1.70
C GLU D 72 22.04 -10.29 -0.69
N ASN D 73 22.87 -9.29 -0.96
CA ASN D 73 23.12 -8.19 -0.02
C ASN D 73 22.31 -6.92 -0.23
N PHE D 74 21.93 -6.28 0.88
CA PHE D 74 21.21 -5.01 0.86
C PHE D 74 21.57 -4.12 2.06
N SER D 75 22.29 -3.03 1.79
CA SER D 75 22.87 -2.19 2.82
C SER D 75 22.14 -0.85 3.00
N LEU D 76 22.10 -0.39 4.26
CA LEU D 76 21.45 0.86 4.63
C LEU D 76 22.49 1.84 5.18
N ILE D 77 22.67 2.95 4.47
CA ILE D 77 23.76 3.88 4.75
C ILE D 77 23.27 5.19 5.36
N LEU D 78 23.85 5.55 6.51
CA LEU D 78 23.62 6.86 7.12
C LEU D 78 24.86 7.73 6.87
N GLU D 79 24.71 8.70 5.97
CA GLU D 79 25.83 9.58 5.57
C GLU D 79 26.35 10.43 6.73
N LEU D 80 25.44 11.07 7.45
CA LEU D 80 25.79 11.87 8.63
C LEU D 80 24.80 11.52 9.74
N ALA D 81 25.29 10.83 10.77
CA ALA D 81 24.43 10.25 11.80
C ALA D 81 23.79 11.27 12.74
N THR D 82 22.61 10.94 13.25
CA THR D 82 21.87 11.80 14.18
C THR D 82 21.60 11.03 15.47
N PRO D 83 21.58 11.74 16.62
CA PRO D 83 21.12 11.11 17.85
C PRO D 83 19.72 10.50 17.72
N SER D 84 18.86 11.13 16.94
CA SER D 84 17.48 10.66 16.73
C SER D 84 17.42 9.33 15.94
N GLN D 85 18.55 8.93 15.36
CA GLN D 85 18.61 7.70 14.58
C GLN D 85 19.00 6.50 15.45
N THR D 86 19.05 6.72 16.76
CA THR D 86 19.18 5.63 17.73
C THR D 86 17.90 4.81 17.67
N SER D 87 18.04 3.55 17.27
CA SER D 87 16.90 2.66 17.11
C SER D 87 17.36 1.22 16.91
N VAL D 88 16.41 0.30 16.78
CA VAL D 88 16.73 -1.07 16.45
C VAL D 88 16.30 -1.28 15.01
N TYR D 89 17.22 -1.78 14.18
CA TYR D 89 16.97 -1.87 12.74
C TYR D 89 16.81 -3.31 12.26
N PHE D 90 15.60 -3.65 11.84
CA PHE D 90 15.33 -4.98 11.28
C PHE D 90 15.36 -4.95 9.75
N CYS D 91 15.99 -5.98 9.19
CA CYS D 91 16.00 -6.20 7.76
C CYS D 91 15.05 -7.35 7.43
N ALA D 92 14.40 -7.27 6.27
CA ALA D 92 13.46 -8.32 5.84
C ALA D 92 13.60 -8.65 4.36
N SER D 93 13.05 -9.79 3.96
CA SER D 93 13.03 -10.23 2.55
C SER D 93 11.88 -11.20 2.26
N GLY D 94 11.38 -11.16 1.03
CA GLY D 94 10.27 -12.00 0.61
C GLY D 94 10.08 -12.05 -0.90
N ASP D 95 9.62 -13.19 -1.40
CA ASP D 95 9.48 -13.42 -2.85
C ASP D 95 8.32 -12.63 -3.45
N TYR D 100 1.13 -16.47 -0.83
CA TYR D 100 1.05 -15.28 0.01
C TYR D 100 2.29 -14.38 -0.14
N ALA D 101 2.33 -13.29 0.63
CA ALA D 101 3.44 -12.34 0.58
C ALA D 101 4.20 -12.30 1.93
N GLU D 102 4.62 -13.47 2.39
CA GLU D 102 5.29 -13.64 3.68
C GLU D 102 6.73 -13.08 3.66
N GLN D 103 6.96 -12.05 4.47
CA GLN D 103 8.30 -11.48 4.66
C GLN D 103 9.02 -12.22 5.78
N PHE D 104 10.34 -12.34 5.63
CA PHE D 104 11.15 -13.05 6.61
C PHE D 104 12.16 -12.07 7.23
N PHE D 105 12.10 -11.96 8.55
CA PHE D 105 12.80 -10.90 9.26
C PHE D 105 14.16 -11.32 9.81
N GLY D 106 15.06 -10.35 9.86
CA GLY D 106 16.41 -10.55 10.37
C GLY D 106 16.46 -10.49 11.88
N PRO D 107 17.67 -10.63 12.46
CA PRO D 107 17.81 -10.62 13.91
C PRO D 107 17.84 -9.22 14.51
N GLY D 108 18.03 -8.20 13.66
CA GLY D 108 18.03 -6.81 14.11
C GLY D 108 19.36 -6.28 14.58
N THR D 109 19.64 -5.02 14.23
CA THR D 109 20.83 -4.29 14.69
C THR D 109 20.44 -3.20 15.67
N ARG D 110 21.08 -3.21 16.83
CA ARG D 110 20.87 -2.16 17.82
C ARG D 110 21.92 -1.08 17.63
N LEU D 111 21.47 0.10 17.19
CA LEU D 111 22.36 1.22 16.92
C LEU D 111 22.13 2.39 17.89
N THR D 112 23.22 2.82 18.54
CA THR D 112 23.20 4.01 19.38
C THR D 112 24.12 5.06 18.78
N VAL D 113 23.57 6.23 18.49
CA VAL D 113 24.34 7.37 18.00
C VAL D 113 24.34 8.48 19.06
N LEU D 114 25.54 8.81 19.53
CA LEU D 114 25.74 9.74 20.63
C LEU D 114 26.17 11.13 20.18
N GLU D 115 25.95 12.12 21.04
CA GLU D 115 26.45 13.48 20.83
C GLU D 115 27.97 13.54 21.02
N ASP D 116 28.47 12.86 22.06
CA ASP D 116 29.90 12.83 22.35
C ASP D 116 30.36 11.46 22.83
N LEU D 117 31.56 11.07 22.43
CA LEU D 117 32.16 9.79 22.85
C LEU D 117 32.88 9.89 24.20
N LYS D 118 33.07 11.12 24.68
CA LYS D 118 33.76 11.35 25.95
C LYS D 118 32.96 10.88 27.18
N ASN D 119 31.85 10.19 26.93
CA ASN D 119 30.98 9.67 27.97
C ASN D 119 30.91 8.14 28.00
N VAL D 120 31.60 7.50 27.07
CA VAL D 120 31.60 6.04 26.91
C VAL D 120 32.52 5.37 27.94
N PHE D 121 31.96 4.41 28.69
CA PHE D 121 32.71 3.64 29.68
C PHE D 121 32.42 2.14 29.54
N PRO D 122 33.43 1.29 29.78
CA PRO D 122 33.22 -0.14 29.87
C PRO D 122 32.61 -0.51 31.22
N PRO D 123 32.00 -1.71 31.32
CA PRO D 123 31.45 -2.13 32.60
C PRO D 123 32.51 -2.69 33.53
N GLU D 124 32.28 -2.54 34.83
CA GLU D 124 33.09 -3.20 35.84
C GLU D 124 32.31 -4.41 36.33
N VAL D 125 32.91 -5.58 36.22
CA VAL D 125 32.20 -6.84 36.50
C VAL D 125 32.65 -7.46 37.82
N ALA D 126 31.67 -7.79 38.67
CA ALA D 126 31.95 -8.40 39.98
C ALA D 126 31.03 -9.58 40.25
N VAL D 127 31.60 -10.69 40.72
CA VAL D 127 30.82 -11.86 41.09
C VAL D 127 30.65 -11.90 42.59
N PHE D 128 29.43 -12.16 43.04
CA PHE D 128 29.13 -12.21 44.46
C PHE D 128 28.75 -13.62 44.89
N GLU D 129 29.49 -14.14 45.85
CA GLU D 129 29.39 -15.55 46.24
C GLU D 129 28.21 -15.82 47.18
N PRO D 130 27.65 -17.04 47.11
CA PRO D 130 26.45 -17.42 47.87
C PRO D 130 26.66 -17.35 49.37
N SER D 131 25.59 -17.04 50.10
CA SER D 131 25.69 -16.95 51.55
C SER D 131 25.54 -18.32 52.18
N GLU D 132 26.25 -18.52 53.30
CA GLU D 132 26.12 -19.74 54.10
C GLU D 132 24.66 -19.95 54.53
N ALA D 133 23.97 -18.86 54.85
CA ALA D 133 22.55 -18.89 55.20
C ALA D 133 21.69 -19.53 54.11
N GLU D 134 21.86 -19.08 52.86
CA GLU D 134 21.10 -19.64 51.73
C GLU D 134 21.45 -21.10 51.51
N ILE D 135 22.74 -21.43 51.64
CA ILE D 135 23.20 -22.81 51.48
C ILE D 135 22.57 -23.71 52.54
N SER D 136 22.55 -23.25 53.78
CA SER D 136 22.04 -24.02 54.91
C SER D 136 20.52 -24.24 54.87
N HIS D 137 19.80 -23.26 54.32
CA HIS D 137 18.34 -23.20 54.46
C HIS D 137 17.56 -23.70 53.24
N THR D 138 18.19 -23.65 52.07
CA THR D 138 17.52 -24.05 50.83
C THR D 138 18.24 -25.19 50.13
N GLN D 139 19.44 -25.52 50.59
CA GLN D 139 20.32 -26.48 49.93
C GLN D 139 20.54 -26.12 48.45
N LYS D 140 20.58 -24.81 48.21
CA LYS D 140 20.89 -24.24 46.89
C LYS D 140 21.80 -23.03 47.06
N ALA D 141 22.51 -22.66 45.99
CA ALA D 141 23.47 -21.56 46.03
C ALA D 141 23.28 -20.61 44.85
N THR D 142 23.26 -19.31 45.14
CA THR D 142 23.11 -18.30 44.08
C THR D 142 24.33 -17.38 43.98
N LEU D 143 24.80 -17.16 42.75
CA LEU D 143 25.88 -16.23 42.49
C LEU D 143 25.30 -15.02 41.76
N VAL D 144 25.56 -13.84 42.29
CA VAL D 144 25.11 -12.61 41.65
C VAL D 144 26.26 -12.02 40.86
N CYS D 145 26.00 -11.71 39.58
CA CYS D 145 26.96 -10.96 38.79
C CYS D 145 26.50 -9.52 38.67
N LEU D 146 27.41 -8.59 38.95
CA LEU D 146 27.10 -7.18 38.86
C LEU D 146 28.02 -6.45 37.88
N ALA D 147 27.46 -6.02 36.75
CA ALA D 147 28.18 -5.21 35.77
C ALA D 147 27.72 -3.77 35.91
N THR D 148 28.64 -2.88 36.27
CA THR D 148 28.29 -1.50 36.64
C THR D 148 29.12 -0.43 35.91
N GLY D 149 28.61 0.80 35.94
CA GLY D 149 29.32 1.97 35.43
C GLY D 149 29.68 1.96 33.96
N PHE D 150 28.76 1.49 33.12
CA PHE D 150 28.96 1.46 31.67
C PHE D 150 27.99 2.37 30.93
N TYR D 151 28.45 2.88 29.79
CA TYR D 151 27.64 3.74 28.93
C TYR D 151 28.21 3.65 27.52
N PRO D 152 27.35 3.46 26.50
CA PRO D 152 25.89 3.32 26.55
C PRO D 152 25.48 1.91 26.98
N ASP D 153 24.17 1.66 27.06
CA ASP D 153 23.69 0.33 27.47
C ASP D 153 23.69 -0.65 26.31
N HIS D 154 24.86 -1.24 26.10
CA HIS D 154 25.09 -2.22 25.05
C HIS D 154 25.92 -3.35 25.62
N VAL D 155 25.29 -4.18 26.44
CA VAL D 155 25.95 -5.33 27.04
C VAL D 155 25.18 -6.63 26.84
N GLU D 156 25.92 -7.73 26.70
CA GLU D 156 25.34 -9.07 26.63
C GLU D 156 26.03 -9.95 27.68
N LEU D 157 25.28 -10.29 28.73
CA LEU D 157 25.84 -10.99 29.88
C LEU D 157 25.70 -12.51 29.79
N SER D 158 26.82 -13.22 29.92
CA SER D 158 26.83 -14.68 29.86
C SER D 158 27.52 -15.32 31.05
N TRP D 159 27.00 -16.47 31.47
CA TRP D 159 27.59 -17.25 32.57
C TRP D 159 28.33 -18.45 32.00
N TRP D 160 29.51 -18.73 32.56
CA TRP D 160 30.33 -19.83 32.07
C TRP D 160 30.78 -20.74 33.20
N VAL D 161 30.32 -21.99 33.17
CA VAL D 161 30.69 -22.98 34.18
C VAL D 161 31.64 -24.01 33.59
N ASN D 162 32.89 -23.96 34.06
CA ASN D 162 33.95 -24.87 33.63
C ASN D 162 34.30 -24.78 32.13
N GLY D 163 34.14 -23.58 31.58
CA GLY D 163 34.48 -23.35 30.17
C GLY D 163 33.31 -23.51 29.21
N LYS D 164 32.21 -24.08 29.69
CA LYS D 164 30.97 -24.17 28.92
C LYS D 164 29.95 -23.17 29.44
N GLU D 165 29.29 -22.47 28.51
CA GLU D 165 28.26 -21.49 28.83
C GLU D 165 27.00 -22.20 29.31
N VAL D 166 26.36 -21.66 30.34
CA VAL D 166 25.12 -22.26 30.88
C VAL D 166 23.91 -21.37 30.68
N HIS D 167 22.73 -21.98 30.64
CA HIS D 167 21.47 -21.24 30.56
C HIS D 167 20.51 -21.65 31.68
N SER D 168 20.51 -22.94 32.01
CA SER D 168 19.71 -23.43 33.14
C SER D 168 20.17 -22.76 34.43
N GLY D 169 19.21 -22.35 35.25
CA GLY D 169 19.49 -21.71 36.53
C GLY D 169 19.89 -20.25 36.42
N VAL D 170 19.67 -19.66 35.24
CA VAL D 170 20.07 -18.28 34.98
C VAL D 170 18.87 -17.37 34.74
N CYS D 171 18.96 -16.15 35.26
CA CYS D 171 18.10 -15.06 34.85
C CYS D 171 18.92 -13.77 34.90
N THR D 172 18.91 -13.04 33.80
CA THR D 172 19.55 -11.76 33.70
C THR D 172 18.45 -10.72 33.73
N ASP D 173 18.76 -9.50 34.17
CA ASP D 173 17.78 -8.42 34.18
C ASP D 173 17.33 -8.12 32.75
N PRO D 174 16.02 -7.90 32.58
CA PRO D 174 15.51 -7.52 31.26
C PRO D 174 16.14 -6.20 30.83
N GLN D 175 15.84 -5.14 31.56
CA GLN D 175 16.40 -3.81 31.30
C GLN D 175 17.40 -3.44 32.39
N PRO D 176 18.53 -2.81 32.01
CA PRO D 176 19.49 -2.31 32.99
C PRO D 176 18.94 -1.07 33.70
N LEU D 177 19.53 -0.70 34.83
CA LEU D 177 19.09 0.51 35.51
C LEU D 177 20.18 1.58 35.49
N LYS D 178 19.73 2.83 35.39
CA LYS D 178 20.62 3.99 35.38
C LYS D 178 21.11 4.28 36.80
N GLU D 179 22.39 4.64 36.90
CA GLU D 179 23.01 4.92 38.19
C GLU D 179 22.73 6.33 38.69
N GLN D 180 22.36 7.22 37.78
CA GLN D 180 21.78 8.53 38.13
C GLN D 180 20.54 8.76 37.28
N PRO D 181 19.36 8.40 37.82
CA PRO D 181 18.10 8.41 37.08
C PRO D 181 17.72 9.77 36.50
N ALA D 182 18.19 10.85 37.12
CA ALA D 182 17.89 12.21 36.66
C ALA D 182 18.66 12.60 35.40
N LEU D 183 19.91 12.17 35.31
CA LEU D 183 20.82 12.58 34.23
C LEU D 183 20.60 11.80 32.92
N ASN D 184 20.72 12.51 31.80
CA ASN D 184 20.59 11.91 30.48
C ASN D 184 21.91 11.29 29.99
N ASP D 185 23.00 11.63 30.65
CA ASP D 185 24.32 11.07 30.33
C ASP D 185 24.67 9.98 31.34
N SER D 186 23.68 9.54 32.10
CA SER D 186 23.87 8.59 33.18
C SER D 186 24.43 7.26 32.70
N ARG D 187 25.36 6.70 33.47
CA ARG D 187 25.88 5.37 33.22
C ARG D 187 24.87 4.32 33.71
N TYR D 188 25.12 3.07 33.34
CA TYR D 188 24.18 2.00 33.61
C TYR D 188 24.75 0.92 34.51
N ALA D 189 23.86 0.02 34.96
CA ALA D 189 24.22 -1.11 35.79
C ALA D 189 23.25 -2.24 35.51
N LEU D 190 23.79 -3.43 35.28
CA LEU D 190 23.00 -4.62 35.01
C LEU D 190 23.44 -5.74 35.95
N SER D 191 22.49 -6.56 36.39
CA SER D 191 22.79 -7.72 37.22
C SER D 191 22.31 -9.01 36.55
N SER D 192 22.84 -10.14 37.03
CA SER D 192 22.42 -11.46 36.59
C SER D 192 22.68 -12.48 37.68
N ARG D 193 21.88 -13.54 37.68
CA ARG D 193 21.92 -14.54 38.74
C ARG D 193 22.07 -15.96 38.21
N LEU D 194 22.97 -16.71 38.84
CA LEU D 194 23.14 -18.13 38.55
C LEU D 194 22.88 -18.93 39.82
N ARG D 195 21.88 -19.81 39.78
CA ARG D 195 21.56 -20.63 40.94
C ARG D 195 21.89 -22.10 40.69
N VAL D 196 22.81 -22.61 41.50
CA VAL D 196 23.23 -24.00 41.43
C VAL D 196 22.84 -24.72 42.73
N SER D 197 22.94 -26.04 42.75
CA SER D 197 22.70 -26.79 43.98
C SER D 197 23.88 -26.60 44.91
N ALA D 198 23.63 -26.70 46.21
CA ALA D 198 24.68 -26.49 47.22
C ALA D 198 25.85 -27.46 47.05
N THR D 199 25.54 -28.73 46.80
CA THR D 199 26.56 -29.74 46.56
C THR D 199 27.45 -29.39 45.37
N PHE D 200 26.88 -28.67 44.41
CA PHE D 200 27.61 -28.24 43.22
C PHE D 200 28.53 -27.07 43.54
N TRP D 201 28.04 -26.14 44.36
CA TRP D 201 28.86 -25.01 44.81
C TRP D 201 29.96 -25.44 45.77
N GLN D 202 29.69 -26.50 46.54
CA GLN D 202 30.64 -27.01 47.53
C GLN D 202 31.72 -27.92 46.92
N ASN D 203 31.99 -27.73 45.64
CA ASN D 203 33.02 -28.48 44.93
C ASN D 203 34.11 -27.52 44.46
N PRO D 204 35.29 -27.56 45.13
CA PRO D 204 36.39 -26.65 44.82
C PRO D 204 36.93 -26.77 43.40
N ARG D 205 36.62 -27.89 42.74
CA ARG D 205 37.04 -28.14 41.37
C ARG D 205 36.21 -27.35 40.35
N ASN D 206 35.09 -26.80 40.81
CA ASN D 206 34.18 -26.05 39.94
C ASN D 206 34.57 -24.57 39.76
N HIS D 207 34.52 -24.12 38.51
CA HIS D 207 34.90 -22.76 38.16
C HIS D 207 33.70 -22.00 37.60
N PHE D 208 33.42 -20.84 38.17
CA PHE D 208 32.33 -19.99 37.72
C PHE D 208 32.88 -18.70 37.18
N ARG D 209 32.41 -18.30 36.00
CA ARG D 209 32.87 -17.07 35.35
C ARG D 209 31.70 -16.32 34.76
N CYS D 210 31.55 -15.07 35.19
CA CYS D 210 30.56 -14.18 34.62
C CYS D 210 31.24 -13.34 33.54
N GLN D 211 30.68 -13.38 32.34
CA GLN D 211 31.29 -12.72 31.20
C GLN D 211 30.36 -11.64 30.66
N VAL D 212 30.88 -10.43 30.55
CA VAL D 212 30.11 -9.30 29.99
C VAL D 212 30.78 -8.74 28.73
N GLN D 213 30.06 -8.84 27.63
CA GLN D 213 30.49 -8.30 26.34
C GLN D 213 29.97 -6.88 26.18
N PHE D 214 30.88 -5.93 26.03
CA PHE D 214 30.52 -4.52 25.92
C PHE D 214 30.85 -3.99 24.53
N TYR D 215 29.82 -3.53 23.82
CA TYR D 215 30.01 -2.94 22.50
C TYR D 215 30.24 -1.43 22.61
N GLY D 216 31.50 -1.03 22.45
CA GLY D 216 31.87 0.37 22.55
C GLY D 216 32.51 0.90 21.28
N LEU D 217 33.59 1.65 21.45
CA LEU D 217 34.32 2.25 20.33
C LEU D 217 34.97 1.23 19.41
N SER D 218 35.15 1.63 18.14
CA SER D 218 35.82 0.81 17.14
C SER D 218 37.19 1.37 16.81
N GLU D 219 38.09 0.49 16.37
CA GLU D 219 39.50 0.82 16.09
C GLU D 219 39.71 2.12 15.29
N ASN D 220 38.76 2.44 14.42
CA ASN D 220 38.81 3.65 13.58
C ASN D 220 38.66 4.95 14.39
N ASP D 221 37.78 4.94 15.38
CA ASP D 221 37.46 6.12 16.20
C ASP D 221 38.67 6.67 16.96
N GLU D 222 38.86 7.98 16.89
CA GLU D 222 39.99 8.65 17.55
C GLU D 222 39.72 8.88 19.04
N TRP D 223 40.80 8.82 19.83
CA TRP D 223 40.72 9.01 21.29
C TRP D 223 41.89 9.86 21.80
N THR D 224 41.64 10.60 22.87
CA THR D 224 42.64 11.54 23.42
C THR D 224 42.78 11.49 24.94
N GLN D 225 41.70 11.11 25.63
CA GLN D 225 41.61 11.29 27.09
C GLN D 225 42.57 10.45 27.92
N ASP D 226 42.61 10.75 29.22
CA ASP D 226 43.57 10.14 30.15
C ASP D 226 43.35 8.64 30.41
N ARG D 227 42.09 8.21 30.39
CA ARG D 227 41.76 6.80 30.64
C ARG D 227 42.00 5.92 29.42
N ALA D 228 41.80 4.62 29.57
CA ALA D 228 41.98 3.66 28.49
C ALA D 228 40.89 3.82 27.45
N LYS D 229 41.25 3.66 26.17
CA LYS D 229 40.31 3.78 25.06
C LYS D 229 39.15 2.78 25.25
N PRO D 230 37.92 3.30 25.41
CA PRO D 230 36.73 2.49 25.72
C PRO D 230 36.23 1.68 24.54
N VAL D 231 37.02 0.72 24.09
CA VAL D 231 36.69 -0.07 22.91
C VAL D 231 35.79 -1.24 23.25
N THR D 232 35.24 -1.88 22.21
CA THR D 232 34.49 -3.11 22.37
C THR D 232 35.41 -4.18 22.95
N GLN D 233 34.92 -4.88 23.96
CA GLN D 233 35.74 -5.77 24.76
C GLN D 233 34.88 -6.67 25.66
N ILE D 234 35.49 -7.76 26.11
CA ILE D 234 34.88 -8.62 27.11
C ILE D 234 35.53 -8.36 28.47
N VAL D 235 34.68 -8.09 29.46
CA VAL D 235 35.10 -7.97 30.85
C VAL D 235 34.54 -9.17 31.61
N SER D 236 35.35 -9.76 32.49
CA SER D 236 34.95 -10.97 33.22
C SER D 236 35.24 -10.91 34.73
N ALA D 237 34.39 -11.57 35.49
CA ALA D 237 34.62 -11.80 36.92
C ALA D 237 34.46 -13.29 37.22
N GLU D 238 35.27 -13.81 38.13
CA GLU D 238 35.26 -15.24 38.44
C GLU D 238 35.28 -15.59 39.93
N ALA D 239 34.71 -16.75 40.24
CA ALA D 239 34.71 -17.32 41.58
C ALA D 239 34.91 -18.83 41.50
N TRP D 240 35.59 -19.38 42.50
CA TRP D 240 35.79 -20.82 42.58
C TRP D 240 34.92 -21.43 43.67
N GLY D 241 34.51 -22.67 43.43
CA GLY D 241 33.76 -23.44 44.43
C GLY D 241 34.56 -23.66 45.70
N ARG D 242 33.88 -23.72 46.84
CA ARG D 242 34.54 -23.82 48.14
C ARG D 242 34.15 -25.06 48.91
N ALA D 243 35.14 -25.76 49.42
CA ALA D 243 34.93 -26.84 50.38
C ALA D 243 34.36 -26.25 51.68
N ASP D 244 35.00 -25.17 52.14
CA ASP D 244 34.58 -24.40 53.32
C ASP D 244 34.79 -25.15 54.64
C1 NAG E . -7.18 11.84 -8.68
C2 NAG E . -6.48 13.14 -8.30
C3 NAG E . -5.46 12.93 -7.19
C4 NAG E . -6.05 12.18 -5.99
C5 NAG E . -6.82 10.93 -6.47
C6 NAG E . -7.61 10.28 -5.33
C7 NAG E . -6.09 14.92 -9.98
C8 NAG E . -7.21 15.73 -9.39
N2 NAG E . -5.79 13.73 -9.45
O3 NAG E . -4.98 14.19 -6.76
O4 NAG E . -5.00 11.81 -5.10
O5 NAG E . -7.72 11.23 -7.52
O6 NAG E . -8.61 11.18 -4.87
O7 NAG E . -5.48 15.36 -10.94
C1 NAG E . -5.08 12.49 -3.83
C2 NAG E . -4.17 11.76 -2.83
C3 NAG E . -4.01 12.51 -1.51
C4 NAG E . -3.85 14.03 -1.69
C5 NAG E . -4.87 14.57 -2.68
N2 NAG E . -4.69 10.43 -2.58
O3 NAG E . -2.89 12.01 -0.81
O4 NAG E . -3.96 14.69 -0.44
O5 NAG E . -4.75 13.87 -3.90
C1 NAG F . -14.84 -18.35 -14.68
C2 NAG F . -14.46 -19.50 -13.75
C3 NAG F . -13.14 -20.11 -14.20
C4 NAG F . -13.12 -20.44 -15.70
C5 NAG F . -13.72 -19.31 -16.54
C6 NAG F . -13.97 -19.73 -17.98
C7 NAG F . -15.38 -19.02 -11.52
C8 NAG F . -15.06 -18.56 -10.13
N2 NAG F . -14.35 -19.07 -12.37
O3 NAG F . -12.88 -21.26 -13.43
O4 NAG F . -11.77 -20.65 -16.10
O5 NAG F . -14.95 -18.86 -16.00
O6 NAG F . -13.90 -18.58 -18.82
O7 NAG F . -16.53 -19.33 -11.82
C1 NAG F . -11.47 -22.05 -16.29
C2 NAG F . -10.27 -22.16 -17.22
C3 NAG F . -9.78 -23.61 -17.34
C4 NAG F . -9.65 -24.29 -15.98
C5 NAG F . -10.94 -24.10 -15.17
C6 NAG F . -10.83 -24.69 -13.77
N2 NAG F . -10.59 -21.63 -18.53
O3 NAG F . -8.53 -23.62 -17.99
O4 NAG F . -9.37 -25.67 -16.16
O5 NAG F . -11.23 -22.72 -15.05
C1 NAG G . 4.05 15.78 -12.01
C2 NAG G . 5.03 16.82 -11.44
C3 NAG G . 4.80 18.25 -11.95
C4 NAG G . 3.32 18.63 -12.20
C5 NAG G . 2.47 17.43 -12.70
C6 NAG G . 1.64 17.85 -13.91
C7 NAG G . 6.05 16.99 -9.21
C8 NAG G . 5.83 16.91 -7.73
N2 NAG G . 4.98 16.78 -9.99
O3 NAG G . 5.55 18.46 -13.13
O4 NAG G . 2.82 19.17 -10.99
O5 NAG G . 3.27 16.31 -13.06
O6 NAG G . 1.54 16.77 -14.82
O7 NAG G . 7.17 17.24 -9.65
C1 NAG G . 1.93 20.33 -11.12
C2 NAG G . 2.61 21.56 -11.75
C3 NAG G . 1.96 22.11 -13.03
C4 NAG G . 0.47 21.85 -13.20
C5 NAG G . -0.16 21.11 -12.02
C6 NAG G . -1.57 20.61 -12.31
N2 NAG G . 2.72 22.61 -10.76
O3 NAG G . 2.65 21.63 -14.17
O4 NAG G . -0.21 23.08 -13.40
O5 NAG G . 0.67 20.00 -11.70
O6 NAG G . -1.54 19.49 -13.17
C1 3GH H . -6.53 -4.68 -4.70
C2 3GH H . -6.89 -4.56 -6.17
N2 3GH H . -7.93 -5.56 -6.44
C3 3GH H . -5.72 -4.91 -7.11
O3 3GH H . -4.48 -4.43 -6.57
C4 3GH H . -5.95 -4.31 -8.50
C5 3GH H . -4.71 -4.33 -9.39
C6 3GH H . -4.90 -5.25 -10.59
C7 3GH H . -5.46 -4.52 -11.81
C8 3GH H . -4.36 -4.24 -12.83
C9 3GH H . -4.71 -4.77 -14.21
C10 3GH H . -4.13 -3.86 -15.29
C11 3GH H . -2.80 -4.38 -15.81
C12 3GH H . -1.85 -3.21 -16.08
C13 3GH H . -1.22 -3.31 -17.47
C14 3GH H . 0.22 -3.80 -17.39
C15 3GH H . 1.22 -2.65 -17.54
C16 3GH H . 1.94 -2.39 -16.23
C17 3GH H . 3.34 -1.81 -16.47
C18 3GH H . 3.54 -0.53 -15.72
C1A 3GH H . -6.25 -6.21 -2.90
O1A 3GH H . -6.32 -6.05 -4.32
C2A 3GH H . -5.55 -7.52 -2.57
O2A 3GH H . -4.33 -7.61 -3.32
C3A 3GH H . -6.42 -8.75 -2.90
C4A 3GH H . -7.83 -8.61 -2.34
O4A 3GH H . -7.79 -8.71 -0.91
O5A 3GH H . -9.90 -6.17 -1.16
C5M 3GH H . -8.43 -7.27 -2.76
C6A 3GH H . -9.87 -7.09 -2.27
O6A 3GH H . -7.57 -6.20 -2.32
CAA 3GH H . -9.24 -5.36 -6.25
OAA 3GH H . -9.73 -4.31 -5.83
CAB 3GH H . -10.14 -6.53 -6.59
CAC 3GH H . -11.28 -6.06 -7.49
CAD 3GH H . -10.78 -5.82 -8.91
CAE 3GH H . -11.86 -5.22 -9.79
CAF 3GH H . -11.58 -5.54 -11.25
CAG 3GH H . -11.56 -4.27 -12.10
CAH 3GH H . -12.58 -4.33 -13.22
CAI 3GH H . -12.51 -3.09 -14.10
CAJ 3GH H . -13.44 -1.98 -13.61
CAK 3GH H . -13.60 -0.91 -14.67
CAL 3GH H . -13.60 0.47 -14.01
CAM 3GH H . -14.87 1.24 -14.32
CAN 3GH H . -15.79 1.32 -13.10
CAO 3GH H . -17.08 0.55 -13.37
CAP 3GH H . -18.31 1.36 -12.99
CAQ 3GH H . -19.38 0.49 -12.32
CAR 3GH H . -20.15 -0.35 -13.33
CAS 3GH H . -21.20 -1.21 -12.66
CAT 3GH H . -21.44 -2.47 -13.49
CAU 3GH H . -21.26 -3.74 -12.66
CAV 3GH H . -20.67 -4.87 -13.49
CAW 3GH H . -19.15 -4.88 -13.43
CAX 3GH H . -18.54 -5.47 -14.69
CAY 3GH H . -17.06 -5.10 -14.80
CAZ 3GH H . -16.31 -6.09 -15.64
#